data_5HNX
#
_entry.id   5HNX
#
loop_
_entity.id
_entity.type
_entity.pdbx_description
1 polymer 'Tubulin alpha-1B chain'
2 polymer 'Tubulin beta-2B chain'
3 polymer 'Protein claret segregational,kinesin-1/kinesin-14,Protein claret segregational'
4 non-polymer 'MAGNESIUM ION'
5 non-polymer "GUANOSINE-5'-TRIPHOSPHATE"
6 non-polymer "GUANOSINE-5'-DIPHOSPHATE"
7 non-polymer TAXOL
#
loop_
_entity_poly.entity_id
_entity_poly.type
_entity_poly.pdbx_seq_one_letter_code
_entity_poly.pdbx_strand_id
1 'polypeptide(L)'
;MRECISIHVGQAGVQIGNACWELYCLEHGIQPDGQMPSDKTIGGGDDSFNTFFSETGAGKHVPRAVFVDLEPTVIDEVRT
GTYRQLFHPEQLITGKEDAANNYARGHYTIGKEIIDLVLDRIRKLADQCTGLQGFSVFHSFGGGTGSGFTSLLMERLSVD
YGKKSKLEFSIYPAPQVSTAVVEPYNSILTTHTTLEHSDCAFMVDNEAIYDICRRNLDIERPTYTNLNRLIGQIVSSITA
SLRFDGALNVDLTEFQTNLVPYPRGHFPLATYAPVISAEKAYHEQLSVAEITNACFEPANQMVKCDPRHGKYMACCLLYR
GDVVPKDVNAAIATIKTKRTIQFVDWCPTGFKVGINYEPPTVVPGGDLAKVQRAVCMLSNTTAIAEAWARLDHKFDLMYA
KRAFVHWYVGEGMEEGEFSEAREDMAALEKDYEEVGVDSVEGEGEEEGEEY
;
A
2 'polypeptide(L)'
;MREIVHIQAGQCGNQIGAKFWEVISDEHGIDPTGSYHGDSDLQLERINVYYNEAAGNKYVPRAILVDLEPGTMDSVRSGP
FGQIFRPDNFVFGQSGAGNNWAKGHYTEGAELVDSVLDVVRKESESCDCLQGFQLTHSLGGGTGSGMGTLLISKIREEYP
DRIMNTFSVVPSPKVSDTVVEPYNATLSVHQLVENTDETYCIDNEALYDICFRTLKLTTPTYGDLNHLVSATMSGVTTCL
RFPGQLNADLRKLAVNMVPFPRLHFFMPGFAPLTSRGSQQYRALTVPELTQQMFDAKNMMAACDPRHGRYLTVAAVFRGR
MSMKEVDEQMLNVQNKNSSYFVEWIPNNVKTAVCDIPPRGLKMSATFIGNSTAIQELFKRISEQFTAMFRRKAFLHWYTG
EGMDEMEFTEAESNMNDLVSEYQQYQDATADEQGEFEEEEGEDEA
;
B
3 'polypeptide(L)'
;KEQLFQSNMERKELHNTVMDLRGNIKVMCRFRPLNEAEILRGDKFIPKFKGEETVVIQGKPYVFDRVLPPNTTQEQVYNA
CAKQIVKDVLEGYNGTIFAYGQTSSGKTHTMEGKLHDPQLMGIIPRIAHDIFDHIYSMDENLEFAIKVSYFEIYLDKIRD
LLDVSKTNLAVHEDKNRVPYVKGCTERFVSSPEEVMDVIDEGKSNRHVAVTNMNEHSSRSHSIFLINIKQENVETEKKLS
GKLYLVDLAGSEKVSKTGAEGAVLDEAKNINKSLSALGNVISALAEGTTHVPYRDSKMTRILQDSLGGNCRTTIVICCSP
SVFNEAETKSTLMFAASVNSCKMTKAKRNRYLNNSVANSSTQSNNSGSFDK
;
K
#
loop_
_chem_comp.id
_chem_comp.type
_chem_comp.name
_chem_comp.formula
GDP RNA linking GUANOSINE-5'-DIPHOSPHATE 'C10 H15 N5 O11 P2'
GTP non-polymer GUANOSINE-5'-TRIPHOSPHATE 'C10 H16 N5 O14 P3'
MG non-polymer 'MAGNESIUM ION' 'Mg 2'
TA1 non-polymer TAXOL 'C47 H51 N O14'
#
# COMPACT_ATOMS: atom_id res chain seq x y z
N ARG A 2 -20.83 -30.78 15.89
CA ARG A 2 -21.54 -31.29 14.69
C ARG A 2 -21.49 -30.32 13.50
N GLU A 3 -21.76 -29.05 13.75
CA GLU A 3 -21.75 -28.06 12.68
C GLU A 3 -20.38 -27.46 12.45
N CYS A 4 -20.32 -26.50 11.53
CA CYS A 4 -19.10 -25.81 11.17
C CYS A 4 -19.44 -24.45 10.59
N ILE A 5 -19.32 -23.40 11.38
CA ILE A 5 -19.62 -22.06 10.90
C ILE A 5 -18.65 -21.72 9.77
N SER A 6 -18.92 -20.63 9.06
CA SER A 6 -18.06 -20.20 7.98
C SER A 6 -18.03 -18.68 7.90
N ILE A 7 -16.83 -18.15 7.75
CA ILE A 7 -16.64 -16.71 7.67
C ILE A 7 -15.98 -16.36 6.35
N HIS A 8 -16.77 -15.87 5.42
CA HIS A 8 -16.28 -15.49 4.11
C HIS A 8 -15.74 -14.08 4.17
N VAL A 9 -14.41 -13.96 4.15
CA VAL A 9 -13.78 -12.64 4.24
C VAL A 9 -13.10 -12.16 2.96
N GLY A 10 -13.32 -10.90 2.64
CA GLY A 10 -12.76 -10.28 1.45
C GLY A 10 -13.73 -10.40 0.29
N GLN A 11 -13.79 -9.40 -0.59
CA GLN A 11 -14.70 -9.48 -1.71
C GLN A 11 -14.68 -10.88 -2.28
N ALA A 12 -13.49 -11.33 -2.68
CA ALA A 12 -13.36 -12.66 -3.25
C ALA A 12 -13.98 -13.74 -2.38
N GLY A 13 -13.49 -13.87 -1.16
CA GLY A 13 -14.01 -14.87 -0.23
C GLY A 13 -15.51 -14.79 -0.13
N VAL A 14 -16.05 -13.66 -0.57
CA VAL A 14 -17.49 -13.40 -0.53
C VAL A 14 -18.14 -13.83 -1.86
N GLN A 15 -17.42 -13.64 -2.96
CA GLN A 15 -17.91 -14.03 -4.29
C GLN A 15 -17.93 -15.56 -4.32
N ILE A 16 -16.83 -16.13 -3.88
CA ILE A 16 -16.67 -17.56 -3.78
C ILE A 16 -17.74 -18.03 -2.79
N GLY A 17 -17.96 -17.21 -1.77
CA GLY A 17 -18.94 -17.54 -0.76
C GLY A 17 -20.32 -17.63 -1.36
N ASN A 18 -20.72 -16.59 -2.09
CA ASN A 18 -22.04 -16.57 -2.70
C ASN A 18 -22.19 -17.83 -3.56
N ALA A 19 -21.09 -18.26 -4.16
CA ALA A 19 -21.07 -19.44 -5.04
C ALA A 19 -21.23 -20.75 -4.29
N CYS A 20 -20.31 -21.00 -3.35
CA CYS A 20 -20.36 -22.20 -2.53
C CYS A 20 -21.69 -22.20 -1.83
N TRP A 21 -22.16 -21.02 -1.47
CA TRP A 21 -23.43 -20.93 -0.79
C TRP A 21 -24.58 -21.24 -1.72
N GLU A 22 -24.36 -21.01 -3.01
CA GLU A 22 -25.38 -21.30 -3.99
C GLU A 22 -25.49 -22.81 -4.13
N LEU A 23 -24.41 -23.42 -4.60
CA LEU A 23 -24.40 -24.85 -4.80
C LEU A 23 -25.14 -25.54 -3.67
N TYR A 24 -24.99 -25.02 -2.45
CA TYR A 24 -25.64 -25.62 -1.30
C TYR A 24 -27.14 -25.85 -1.44
N CYS A 25 -27.92 -24.80 -1.24
CA CYS A 25 -29.36 -24.93 -1.32
C CYS A 25 -29.74 -25.74 -2.55
N LEU A 26 -29.01 -25.52 -3.63
CA LEU A 26 -29.23 -26.20 -4.90
C LEU A 26 -29.30 -27.71 -4.78
N GLU A 27 -28.56 -28.28 -3.86
CA GLU A 27 -28.53 -29.72 -3.65
C GLU A 27 -29.17 -30.10 -2.32
N HIS A 28 -29.98 -29.19 -1.78
CA HIS A 28 -30.68 -29.42 -0.53
C HIS A 28 -32.15 -29.00 -0.63
N GLY A 29 -32.57 -28.70 -1.86
CA GLY A 29 -33.95 -28.32 -2.12
C GLY A 29 -34.51 -27.13 -1.35
N ILE A 30 -33.64 -26.17 -1.06
CA ILE A 30 -34.04 -24.99 -0.32
C ILE A 30 -33.84 -23.75 -1.21
N GLN A 31 -34.86 -23.44 -1.99
CA GLN A 31 -34.91 -22.31 -2.91
C GLN A 31 -34.56 -20.97 -2.25
N PRO A 32 -34.57 -19.87 -3.05
CA PRO A 32 -34.26 -18.51 -2.56
C PRO A 32 -34.58 -18.23 -1.13
N ASP A 33 -35.87 -18.40 -0.81
CA ASP A 33 -36.40 -18.16 0.52
C ASP A 33 -36.93 -19.45 1.14
N GLY A 34 -36.10 -20.10 1.96
CA GLY A 34 -36.52 -21.35 2.61
C GLY A 34 -36.65 -21.23 4.12
N HIS A 61 -34.09 -21.80 4.63
CA HIS A 61 -34.17 -21.87 6.09
C HIS A 61 -33.43 -20.65 6.65
N VAL A 62 -32.16 -20.85 6.99
CA VAL A 62 -31.28 -19.84 7.54
C VAL A 62 -29.85 -20.38 7.35
N PRO A 63 -28.97 -19.54 6.79
CA PRO A 63 -27.57 -19.99 6.58
C PRO A 63 -26.91 -20.37 7.89
N ARG A 64 -25.58 -20.25 7.95
CA ARG A 64 -24.87 -20.57 9.17
C ARG A 64 -23.47 -20.01 9.00
N ALA A 65 -23.39 -18.78 8.50
CA ALA A 65 -22.11 -18.14 8.28
C ALA A 65 -22.21 -16.62 8.32
N VAL A 66 -21.10 -15.96 7.98
CA VAL A 66 -21.10 -14.51 7.97
C VAL A 66 -20.29 -13.97 6.80
N PHE A 67 -20.44 -12.68 6.53
CA PHE A 67 -19.76 -12.03 5.43
C PHE A 67 -19.07 -10.73 5.83
N VAL A 68 -17.74 -10.69 5.68
CA VAL A 68 -16.96 -9.52 6.07
C VAL A 68 -16.22 -8.84 4.91
N ASP A 69 -16.26 -7.51 4.90
CA ASP A 69 -15.59 -6.72 3.86
C ASP A 69 -15.57 -5.24 4.26
N LEU A 70 -14.49 -4.57 3.88
CA LEU A 70 -14.32 -3.17 4.20
C LEU A 70 -14.67 -2.30 2.99
N GLU A 71 -15.33 -2.91 2.02
CA GLU A 71 -15.81 -2.23 0.82
C GLU A 71 -17.26 -2.66 0.74
N PRO A 72 -18.17 -1.74 1.06
CA PRO A 72 -19.59 -2.06 1.03
C PRO A 72 -20.14 -2.63 -0.27
N THR A 73 -19.90 -1.95 -1.37
CA THR A 73 -20.42 -2.38 -2.67
C THR A 73 -20.38 -3.88 -2.98
N VAL A 74 -19.44 -4.63 -2.41
CA VAL A 74 -19.37 -6.07 -2.69
C VAL A 74 -20.31 -6.97 -1.89
N ILE A 75 -20.41 -6.72 -0.60
CA ILE A 75 -21.30 -7.47 0.29
C ILE A 75 -22.69 -7.04 -0.11
N ASP A 76 -22.76 -5.83 -0.66
CA ASP A 76 -24.03 -5.30 -1.14
C ASP A 76 -24.53 -6.23 -2.25
N GLU A 77 -23.61 -6.78 -3.03
CA GLU A 77 -23.99 -7.69 -4.11
C GLU A 77 -24.74 -8.89 -3.58
N VAL A 78 -24.54 -9.18 -2.31
CA VAL A 78 -25.22 -10.29 -1.68
C VAL A 78 -26.50 -9.73 -1.10
N ARG A 79 -26.54 -8.41 -1.01
CA ARG A 79 -27.69 -7.68 -0.50
C ARG A 79 -28.61 -7.22 -1.63
N THR A 80 -28.10 -7.21 -2.85
CA THR A 80 -28.86 -6.78 -4.02
C THR A 80 -29.18 -7.95 -4.94
N GLY A 81 -28.16 -8.73 -5.28
CA GLY A 81 -28.34 -9.86 -6.16
C GLY A 81 -29.04 -11.09 -5.61
N THR A 82 -28.81 -12.22 -6.28
CA THR A 82 -29.42 -13.49 -5.90
C THR A 82 -29.13 -13.82 -4.44
N TYR A 83 -29.86 -14.79 -3.90
CA TYR A 83 -29.69 -15.22 -2.52
C TYR A 83 -29.66 -13.99 -1.62
N ARG A 84 -30.58 -13.08 -1.93
CA ARG A 84 -30.74 -11.82 -1.22
C ARG A 84 -31.35 -11.96 0.17
N GLN A 85 -32.50 -12.61 0.25
CA GLN A 85 -33.21 -12.79 1.52
C GLN A 85 -32.90 -14.09 2.27
N LEU A 86 -31.90 -14.83 1.81
CA LEU A 86 -31.55 -16.07 2.48
C LEU A 86 -30.55 -15.76 3.59
N PHE A 87 -30.26 -14.48 3.80
CA PHE A 87 -29.33 -14.07 4.83
C PHE A 87 -29.93 -13.04 5.76
N HIS A 88 -29.32 -12.92 6.93
CA HIS A 88 -29.75 -11.97 7.93
C HIS A 88 -28.79 -10.80 7.85
N PRO A 89 -29.34 -9.60 7.69
CA PRO A 89 -28.49 -8.41 7.61
C PRO A 89 -27.55 -8.34 8.81
N GLU A 90 -27.60 -9.38 9.64
CA GLU A 90 -26.77 -9.46 10.82
C GLU A 90 -25.50 -10.27 10.55
N GLN A 91 -25.58 -11.21 9.60
CA GLN A 91 -24.41 -12.03 9.23
C GLN A 91 -23.74 -11.45 7.99
N LEU A 92 -24.01 -10.17 7.75
CA LEU A 92 -23.43 -9.42 6.64
C LEU A 92 -22.75 -8.18 7.21
N ILE A 93 -21.47 -8.31 7.54
CA ILE A 93 -20.70 -7.20 8.10
C ILE A 93 -19.99 -6.39 7.00
N THR A 94 -20.05 -5.07 7.14
CA THR A 94 -19.42 -4.16 6.18
C THR A 94 -18.83 -2.95 6.90
N GLY A 95 -17.79 -2.39 6.31
CA GLY A 95 -17.16 -1.21 6.86
C GLY A 95 -17.10 -0.18 5.75
N LYS A 96 -18.22 0.51 5.53
CA LYS A 96 -18.35 1.53 4.48
C LYS A 96 -17.05 2.21 4.11
N GLU A 97 -16.13 2.24 5.07
CA GLU A 97 -14.84 2.85 4.91
C GLU A 97 -14.08 2.42 3.68
N ASP A 98 -12.82 2.07 3.87
CA ASP A 98 -11.99 1.70 2.73
C ASP A 98 -11.35 0.32 2.83
N ALA A 99 -11.33 -0.38 1.70
CA ALA A 99 -10.75 -1.71 1.63
C ALA A 99 -9.22 -1.66 1.74
N ALA A 100 -8.58 -1.09 0.71
CA ALA A 100 -7.12 -0.95 0.64
C ALA A 100 -6.43 -2.25 0.37
N ASN A 101 -5.83 -2.37 -0.79
CA ASN A 101 -5.18 -3.63 -1.10
C ASN A 101 -3.90 -3.82 -0.34
N ASN A 102 -3.95 -3.49 0.94
CA ASN A 102 -2.79 -3.66 1.77
C ASN A 102 -3.11 -4.24 3.13
N TYR A 103 -2.41 -5.33 3.42
CA TYR A 103 -2.50 -6.07 4.66
C TYR A 103 -2.65 -5.09 5.84
N ALA A 104 -1.54 -4.51 6.25
CA ALA A 104 -1.50 -3.55 7.35
C ALA A 104 -2.82 -2.87 7.65
N ARG A 105 -3.23 -2.01 6.73
CA ARG A 105 -4.47 -1.27 6.87
C ARG A 105 -5.63 -2.19 7.21
N GLY A 106 -5.77 -3.27 6.46
CA GLY A 106 -6.87 -4.17 6.74
C GLY A 106 -6.76 -4.93 8.05
N HIS A 107 -5.54 -5.29 8.44
CA HIS A 107 -5.33 -6.01 9.68
C HIS A 107 -5.39 -5.02 10.83
N TYR A 108 -4.35 -4.17 10.91
CA TYR A 108 -4.24 -3.16 11.94
C TYR A 108 -5.25 -2.03 11.75
N THR A 109 -4.75 -0.83 11.52
CA THR A 109 -5.57 0.38 11.32
C THR A 109 -7.06 0.17 11.10
N ILE A 110 -7.52 0.09 9.86
CA ILE A 110 -8.94 -0.03 9.64
C ILE A 110 -9.54 -1.35 10.09
N GLY A 111 -9.24 -2.44 9.38
CA GLY A 111 -9.80 -3.73 9.75
C GLY A 111 -10.09 -3.94 11.22
N LYS A 112 -9.29 -3.32 12.10
CA LYS A 112 -9.47 -3.46 13.53
C LYS A 112 -10.87 -3.06 13.99
N GLU A 113 -11.25 -1.83 13.69
CA GLU A 113 -12.55 -1.31 14.07
C GLU A 113 -13.74 -2.27 13.93
N ILE A 114 -13.72 -3.07 12.88
CA ILE A 114 -14.82 -3.99 12.61
C ILE A 114 -14.76 -5.31 13.37
N ILE A 115 -13.55 -5.87 13.48
CA ILE A 115 -13.32 -7.16 14.12
C ILE A 115 -14.25 -7.48 15.29
N ASP A 116 -14.25 -6.64 16.33
CA ASP A 116 -15.14 -6.88 17.47
C ASP A 116 -16.46 -7.36 16.90
N LEU A 117 -17.18 -6.42 16.31
CA LEU A 117 -18.46 -6.66 15.69
C LEU A 117 -18.44 -7.98 14.93
N VAL A 118 -17.42 -8.18 14.10
CA VAL A 118 -17.31 -9.42 13.33
C VAL A 118 -17.41 -10.58 14.30
N LEU A 119 -16.43 -10.66 15.20
CA LEU A 119 -16.41 -11.71 16.20
C LEU A 119 -17.79 -11.93 16.79
N ASP A 120 -18.36 -10.87 17.33
CA ASP A 120 -19.68 -10.93 17.93
C ASP A 120 -20.60 -11.90 17.22
N ARG A 121 -20.62 -11.87 15.89
CA ARG A 121 -21.49 -12.79 15.16
C ARG A 121 -21.01 -14.23 15.25
N ILE A 122 -19.70 -14.43 15.13
CA ILE A 122 -19.14 -15.76 15.20
C ILE A 122 -19.09 -16.25 16.64
N ARG A 123 -19.74 -15.50 17.52
CA ARG A 123 -19.85 -15.84 18.94
C ARG A 123 -21.35 -15.88 19.25
N LYS A 124 -22.12 -15.17 18.42
CA LYS A 124 -23.56 -15.12 18.53
C LYS A 124 -24.15 -16.25 17.71
N LEU A 125 -23.47 -16.58 16.61
CA LEU A 125 -23.87 -17.65 15.71
C LEU A 125 -23.27 -18.97 16.22
N ALA A 126 -22.19 -18.85 16.99
CA ALA A 126 -21.50 -20.01 17.54
C ALA A 126 -22.20 -20.54 18.78
N ASP A 127 -23.02 -19.69 19.39
CA ASP A 127 -23.75 -20.04 20.60
C ASP A 127 -25.05 -20.73 20.25
N GLN A 128 -25.85 -20.08 19.43
CA GLN A 128 -27.14 -20.58 18.99
C GLN A 128 -27.17 -22.07 18.63
N CYS A 129 -26.08 -22.58 18.04
CA CYS A 129 -25.98 -23.98 17.62
C CYS A 129 -25.95 -25.04 18.75
N THR A 130 -25.55 -26.26 18.38
CA THR A 130 -25.45 -27.38 19.31
C THR A 130 -24.12 -28.11 19.09
N GLY A 131 -23.21 -28.00 20.05
CA GLY A 131 -21.91 -28.64 19.92
C GLY A 131 -21.39 -28.57 18.49
N LEU A 132 -20.72 -27.47 18.14
CA LEU A 132 -20.16 -27.28 16.80
C LEU A 132 -18.81 -27.95 16.67
N GLN A 133 -18.20 -27.83 15.50
CA GLN A 133 -16.89 -28.44 15.25
C GLN A 133 -15.85 -27.41 14.80
N GLY A 134 -16.29 -26.30 14.25
CA GLY A 134 -15.35 -25.30 13.79
C GLY A 134 -15.92 -24.30 12.81
N PHE A 135 -15.02 -23.46 12.27
CA PHE A 135 -15.40 -22.42 11.31
C PHE A 135 -14.66 -22.53 9.97
N SER A 136 -15.40 -22.83 8.90
CA SER A 136 -14.79 -22.91 7.60
C SER A 136 -14.65 -21.45 7.16
N VAL A 137 -13.42 -20.95 7.17
CA VAL A 137 -13.09 -19.58 6.80
C VAL A 137 -12.81 -19.44 5.29
N PHE A 138 -13.35 -18.41 4.64
CA PHE A 138 -13.11 -18.24 3.20
C PHE A 138 -12.44 -16.90 2.90
N HIS A 139 -11.16 -16.93 2.57
CA HIS A 139 -10.44 -15.69 2.26
C HIS A 139 -9.55 -15.80 1.05
N SER A 140 -9.13 -14.66 0.53
CA SER A 140 -8.28 -14.58 -0.66
C SER A 140 -6.86 -14.07 -0.44
N PHE A 141 -6.08 -14.85 0.31
CA PHE A 141 -4.69 -14.55 0.59
C PHE A 141 -4.15 -13.18 0.23
N GLY A 142 -4.06 -12.88 -1.06
CA GLY A 142 -3.51 -11.60 -1.49
C GLY A 142 -4.44 -10.41 -1.67
N GLY A 143 -5.13 -10.03 -0.61
CA GLY A 143 -6.04 -8.90 -0.70
C GLY A 143 -5.81 -8.01 0.50
N GLY A 144 -6.70 -7.06 0.71
CA GLY A 144 -6.58 -6.18 1.84
C GLY A 144 -7.46 -6.70 2.96
N THR A 145 -8.75 -6.81 2.67
CA THR A 145 -9.72 -7.29 3.63
C THR A 145 -9.57 -8.79 3.79
N GLY A 146 -9.03 -9.45 2.78
CA GLY A 146 -8.89 -10.88 2.85
C GLY A 146 -7.65 -11.41 3.57
N SER A 147 -6.53 -10.73 3.37
CA SER A 147 -5.28 -11.13 3.98
C SER A 147 -5.26 -10.59 5.41
N GLY A 148 -5.13 -9.27 5.51
CA GLY A 148 -5.07 -8.61 6.79
C GLY A 148 -6.16 -9.02 7.73
N PHE A 149 -7.32 -8.40 7.62
CA PHE A 149 -8.45 -8.70 8.50
C PHE A 149 -8.44 -10.13 9.06
N THR A 150 -8.77 -11.10 8.22
CA THR A 150 -8.81 -12.49 8.65
C THR A 150 -7.66 -12.76 9.57
N SER A 151 -6.47 -12.39 9.11
CA SER A 151 -5.28 -12.60 9.90
C SER A 151 -5.63 -12.45 11.38
N LEU A 152 -6.28 -11.35 11.74
CA LEU A 152 -6.64 -11.18 13.13
C LEU A 152 -7.96 -11.84 13.52
N LEU A 153 -8.79 -12.16 12.53
CA LEU A 153 -10.06 -12.82 12.81
C LEU A 153 -9.72 -14.23 13.26
N MET A 154 -9.00 -14.96 12.43
CA MET A 154 -8.58 -16.31 12.77
C MET A 154 -7.76 -16.18 14.03
N GLU A 155 -7.05 -15.06 14.13
CA GLU A 155 -6.19 -14.78 15.27
C GLU A 155 -7.04 -14.80 16.51
N ARG A 156 -8.04 -13.94 16.56
CA ARG A 156 -8.94 -13.86 17.73
C ARG A 156 -9.76 -15.15 17.98
N LEU A 157 -9.82 -16.04 16.99
CA LEU A 157 -10.56 -17.31 17.12
C LEU A 157 -9.71 -18.34 17.85
N SER A 158 -8.49 -18.55 17.37
CA SER A 158 -7.58 -19.50 17.97
C SER A 158 -7.49 -19.35 19.47
N VAL A 159 -7.89 -18.19 19.97
CA VAL A 159 -7.84 -17.94 21.42
C VAL A 159 -9.20 -18.12 22.06
N ASP A 160 -10.25 -17.70 21.35
CA ASP A 160 -11.59 -17.79 21.89
C ASP A 160 -12.19 -19.18 21.76
N TYR A 161 -11.63 -20.00 20.88
CA TYR A 161 -12.13 -21.36 20.71
C TYR A 161 -10.99 -22.29 20.35
N GLY A 162 -9.84 -22.16 21.01
CA GLY A 162 -8.74 -23.04 20.67
C GLY A 162 -9.17 -24.49 20.56
N LYS A 163 -10.25 -24.80 21.27
CA LYS A 163 -10.81 -26.14 21.34
C LYS A 163 -11.73 -26.51 20.17
N LYS A 164 -11.32 -26.19 18.94
CA LYS A 164 -12.13 -26.52 17.77
C LYS A 164 -11.28 -26.63 16.51
N SER A 165 -11.96 -26.71 15.37
CA SER A 165 -11.28 -26.80 14.09
C SER A 165 -11.27 -25.45 13.39
N LYS A 166 -10.14 -25.14 12.80
CA LYS A 166 -9.94 -23.90 12.07
C LYS A 166 -9.41 -24.24 10.69
N LEU A 167 -10.31 -24.65 9.81
CA LEU A 167 -9.93 -24.98 8.46
C LEU A 167 -10.23 -23.76 7.62
N GLU A 168 -9.18 -23.12 7.13
CA GLU A 168 -9.36 -21.95 6.30
C GLU A 168 -9.16 -22.31 4.85
N PHE A 169 -10.18 -22.02 4.06
CA PHE A 169 -10.17 -22.29 2.64
C PHE A 169 -9.68 -21.07 1.87
N SER A 170 -8.41 -21.09 1.46
CA SER A 170 -7.81 -19.97 0.75
C SER A 170 -7.69 -20.10 -0.78
N ILE A 171 -7.50 -18.95 -1.42
CA ILE A 171 -7.34 -18.82 -2.86
C ILE A 171 -6.03 -18.07 -3.00
N TYR A 172 -4.94 -18.78 -2.81
CA TYR A 172 -3.63 -18.19 -2.85
C TYR A 172 -3.16 -17.79 -4.25
N PRO A 173 -2.42 -16.65 -4.34
CA PRO A 173 -1.80 -15.95 -5.47
C PRO A 173 -1.47 -16.74 -6.73
N ALA A 174 -2.06 -16.33 -7.86
CA ALA A 174 -1.81 -16.99 -9.13
C ALA A 174 -0.32 -16.91 -9.37
N PRO A 175 0.31 -18.05 -9.70
CA PRO A 175 1.75 -18.18 -9.95
C PRO A 175 2.41 -17.14 -10.89
N GLN A 176 1.66 -16.61 -11.84
CA GLN A 176 2.20 -15.63 -12.77
C GLN A 176 1.17 -14.59 -13.12
N VAL A 177 -0.08 -14.97 -12.91
CA VAL A 177 -1.21 -14.10 -13.21
C VAL A 177 -1.80 -13.49 -11.96
N SER A 178 -0.98 -12.78 -11.20
CA SER A 178 -1.49 -12.15 -9.99
C SER A 178 -2.22 -10.90 -10.43
N THR A 179 -2.86 -10.22 -9.49
CA THR A 179 -3.58 -9.02 -9.82
C THR A 179 -2.92 -7.84 -9.13
N ALA A 180 -3.19 -7.70 -7.83
CA ALA A 180 -2.62 -6.61 -7.05
C ALA A 180 -1.14 -6.54 -7.33
N VAL A 181 -0.59 -5.34 -7.23
CA VAL A 181 0.82 -5.14 -7.49
C VAL A 181 1.63 -5.63 -6.33
N VAL A 182 1.05 -5.54 -5.15
CA VAL A 182 1.69 -5.95 -3.92
C VAL A 182 1.46 -7.39 -3.48
N GLU A 183 0.33 -7.98 -3.90
CA GLU A 183 -0.06 -9.36 -3.59
C GLU A 183 0.84 -10.10 -2.60
N PRO A 184 2.12 -10.34 -2.93
CA PRO A 184 2.99 -11.05 -1.98
C PRO A 184 3.06 -10.40 -0.60
N TYR A 185 3.19 -9.09 -0.55
CA TYR A 185 3.23 -8.42 0.74
C TYR A 185 2.03 -8.92 1.52
N ASN A 186 0.86 -8.88 0.89
CA ASN A 186 -0.36 -9.30 1.53
C ASN A 186 -0.50 -10.79 1.81
N SER A 187 0.27 -11.62 1.12
CA SER A 187 0.17 -13.07 1.30
C SER A 187 1.28 -13.69 2.11
N ILE A 188 2.37 -12.96 2.30
CA ILE A 188 3.41 -13.50 3.12
C ILE A 188 3.00 -13.12 4.52
N LEU A 189 2.11 -12.13 4.58
CA LEU A 189 1.60 -11.62 5.85
C LEU A 189 0.37 -12.30 6.37
N THR A 190 -0.43 -12.88 5.49
CA THR A 190 -1.62 -13.57 5.95
C THR A 190 -1.22 -14.99 6.32
N THR A 191 -0.10 -15.45 5.79
CA THR A 191 0.38 -16.79 6.06
C THR A 191 1.02 -16.88 7.44
N HIS A 192 1.89 -15.91 7.75
CA HIS A 192 2.61 -15.90 9.01
C HIS A 192 1.77 -15.63 10.23
N THR A 193 0.72 -14.84 10.02
CA THR A 193 -0.18 -14.48 11.11
C THR A 193 -1.25 -15.53 11.34
N THR A 194 -1.61 -16.25 10.30
CA THR A 194 -2.64 -17.27 10.40
C THR A 194 -2.03 -18.63 10.72
N LEU A 195 -0.79 -18.84 10.28
CA LEU A 195 -0.06 -20.09 10.47
C LEU A 195 -0.18 -20.70 11.84
N GLU A 196 -0.01 -19.86 12.84
CA GLU A 196 -0.05 -20.29 14.23
C GLU A 196 -1.47 -20.25 14.78
N HIS A 197 -2.45 -20.34 13.88
CA HIS A 197 -3.86 -20.27 14.28
C HIS A 197 -4.82 -21.20 13.56
N SER A 198 -4.47 -21.63 12.35
CA SER A 198 -5.35 -22.52 11.59
C SER A 198 -5.10 -23.98 11.93
N ASP A 199 -6.07 -24.81 11.54
CA ASP A 199 -6.01 -26.23 11.77
C ASP A 199 -5.54 -26.91 10.50
N CYS A 200 -6.22 -26.57 9.41
CA CYS A 200 -5.92 -27.11 8.08
C CYS A 200 -6.32 -26.01 7.12
N ALA A 201 -5.39 -25.60 6.27
CA ALA A 201 -5.69 -24.56 5.30
C ALA A 201 -5.80 -25.15 3.89
N PHE A 202 -7.01 -25.17 3.35
CA PHE A 202 -7.19 -25.68 2.00
C PHE A 202 -6.77 -24.60 1.02
N MET A 203 -6.22 -25.04 -0.10
CA MET A 203 -5.75 -24.09 -1.09
C MET A 203 -6.24 -24.41 -2.48
N VAL A 204 -6.73 -23.37 -3.16
CA VAL A 204 -7.24 -23.46 -4.52
C VAL A 204 -6.64 -22.29 -5.29
N ASP A 205 -5.78 -22.62 -6.25
CA ASP A 205 -5.07 -21.63 -7.05
C ASP A 205 -5.93 -21.08 -8.16
N ASN A 206 -6.18 -19.77 -8.13
CA ASN A 206 -7.00 -19.13 -9.15
C ASN A 206 -6.58 -19.44 -10.58
N GLU A 207 -5.30 -19.28 -10.92
CA GLU A 207 -4.83 -19.56 -12.28
C GLU A 207 -4.94 -21.03 -12.66
N ALA A 208 -4.30 -21.89 -11.87
CA ALA A 208 -4.33 -23.32 -12.11
C ALA A 208 -5.75 -23.89 -12.23
N ILE A 209 -6.76 -23.05 -11.99
CA ILE A 209 -8.15 -23.47 -12.13
C ILE A 209 -8.57 -23.08 -13.54
N TYR A 210 -7.98 -22.01 -14.05
CA TYR A 210 -8.29 -21.56 -15.39
C TYR A 210 -7.89 -22.66 -16.37
N ASP A 211 -6.71 -23.22 -16.15
CA ASP A 211 -6.23 -24.27 -17.01
C ASP A 211 -7.34 -25.27 -17.12
N ILE A 212 -7.87 -25.68 -15.98
CA ILE A 212 -8.95 -26.66 -15.97
C ILE A 212 -10.11 -26.19 -16.83
N CYS A 213 -10.33 -24.87 -16.88
CA CYS A 213 -11.43 -24.32 -17.67
C CYS A 213 -11.10 -24.23 -19.15
N ARG A 214 -9.81 -24.30 -19.44
CA ARG A 214 -9.34 -24.24 -20.81
C ARG A 214 -9.14 -25.67 -21.31
N ARG A 215 -8.39 -26.46 -20.54
CA ARG A 215 -8.05 -27.83 -20.88
C ARG A 215 -9.05 -28.92 -20.55
N ASN A 216 -9.79 -28.75 -19.46
CA ASN A 216 -10.75 -29.78 -19.07
C ASN A 216 -12.19 -29.32 -19.03
N LEU A 217 -12.60 -28.57 -20.05
CA LEU A 217 -13.96 -28.08 -20.06
C LEU A 217 -14.11 -27.19 -21.29
N ASP A 218 -12.97 -26.68 -21.73
CA ASP A 218 -12.91 -25.83 -22.91
C ASP A 218 -13.81 -24.60 -22.85
N ILE A 219 -13.19 -23.45 -22.60
CA ILE A 219 -13.86 -22.16 -22.54
C ILE A 219 -12.83 -21.07 -22.24
N GLU A 220 -12.68 -20.11 -23.14
CA GLU A 220 -11.73 -19.03 -22.92
C GLU A 220 -12.51 -17.86 -22.34
N ARG A 221 -13.76 -18.16 -22.00
CA ARG A 221 -14.70 -17.20 -21.42
C ARG A 221 -15.03 -17.61 -19.96
N PRO A 222 -14.00 -17.74 -19.12
CA PRO A 222 -14.32 -18.13 -17.74
C PRO A 222 -14.50 -16.90 -16.86
N THR A 223 -15.74 -16.64 -16.47
CA THR A 223 -16.01 -15.51 -15.59
C THR A 223 -15.64 -15.94 -14.19
N TYR A 224 -15.32 -14.98 -13.33
CA TYR A 224 -14.98 -15.30 -11.96
C TYR A 224 -16.09 -16.18 -11.45
N THR A 225 -17.31 -15.84 -11.87
CA THR A 225 -18.49 -16.59 -11.47
C THR A 225 -18.37 -18.10 -11.77
N ASN A 226 -17.34 -18.49 -12.49
CA ASN A 226 -17.16 -19.90 -12.78
C ASN A 226 -16.21 -20.53 -11.81
N LEU A 227 -15.02 -19.98 -11.70
CA LEU A 227 -14.03 -20.51 -10.78
C LEU A 227 -14.75 -20.71 -9.48
N ASN A 228 -15.65 -19.79 -9.17
CA ASN A 228 -16.42 -19.88 -7.94
C ASN A 228 -17.32 -21.11 -7.92
N ARG A 229 -17.91 -21.43 -9.08
CA ARG A 229 -18.79 -22.59 -9.19
C ARG A 229 -17.98 -23.83 -8.96
N LEU A 230 -16.72 -23.76 -9.34
CA LEU A 230 -15.83 -24.87 -9.18
C LEU A 230 -15.48 -25.07 -7.74
N ILE A 231 -14.76 -24.12 -7.14
CA ILE A 231 -14.44 -24.29 -5.73
C ILE A 231 -15.78 -24.56 -5.08
N GLY A 232 -16.80 -23.85 -5.57
CA GLY A 232 -18.14 -24.00 -5.06
C GLY A 232 -18.55 -25.46 -5.11
N GLN A 233 -17.78 -26.25 -5.85
CA GLN A 233 -18.03 -27.68 -5.98
C GLN A 233 -17.14 -28.43 -5.01
N ILE A 234 -15.84 -28.31 -5.22
CA ILE A 234 -14.85 -28.97 -4.37
C ILE A 234 -15.18 -28.75 -2.91
N VAL A 235 -15.67 -27.55 -2.59
CA VAL A 235 -16.04 -27.24 -1.21
C VAL A 235 -17.26 -28.02 -0.79
N SER A 236 -18.21 -28.17 -1.69
CA SER A 236 -19.43 -28.90 -1.37
C SER A 236 -19.10 -30.30 -0.95
N SER A 237 -17.99 -30.80 -1.46
CA SER A 237 -17.52 -32.16 -1.18
C SER A 237 -16.89 -32.24 0.21
N ILE A 238 -16.38 -31.11 0.68
CA ILE A 238 -15.78 -31.04 1.98
C ILE A 238 -16.90 -31.11 3.01
N THR A 239 -17.44 -29.95 3.36
CA THR A 239 -18.50 -29.86 4.35
C THR A 239 -19.80 -30.50 3.92
N ALA A 240 -20.63 -29.74 3.22
CA ALA A 240 -21.93 -30.21 2.75
C ALA A 240 -22.16 -31.71 2.92
N SER A 241 -21.79 -32.44 1.87
CA SER A 241 -21.94 -33.89 1.79
C SER A 241 -21.27 -34.72 2.87
N LEU A 242 -20.10 -34.31 3.31
CA LEU A 242 -19.40 -35.07 4.33
C LEU A 242 -20.12 -35.03 5.67
N ARG A 243 -20.51 -33.83 6.09
CA ARG A 243 -21.24 -33.66 7.33
C ARG A 243 -22.58 -34.36 7.14
N PHE A 244 -22.76 -34.89 5.94
CA PHE A 244 -23.96 -35.62 5.52
C PHE A 244 -23.65 -37.13 5.57
N ASP A 245 -24.56 -37.88 6.18
CA ASP A 245 -24.44 -39.35 6.33
C ASP A 245 -23.86 -40.03 5.10
N GLY A 246 -23.30 -41.21 5.29
CA GLY A 246 -22.72 -41.93 4.17
C GLY A 246 -22.15 -43.26 4.60
N ALA A 247 -21.53 -43.98 3.66
CA ALA A 247 -20.96 -45.29 3.95
C ALA A 247 -19.59 -45.25 4.59
N LEU A 248 -19.00 -44.06 4.68
CA LEU A 248 -17.69 -43.89 5.29
C LEU A 248 -17.41 -42.48 5.82
N ASN A 249 -18.40 -41.90 6.48
CA ASN A 249 -18.32 -40.55 7.04
C ASN A 249 -16.93 -40.09 7.45
N VAL A 250 -16.73 -38.78 7.32
CA VAL A 250 -15.47 -38.13 7.68
C VAL A 250 -15.76 -36.75 8.30
N ASP A 251 -15.57 -36.67 9.61
CA ASP A 251 -15.81 -35.45 10.37
C ASP A 251 -14.76 -34.37 10.01
N LEU A 252 -14.99 -33.12 10.39
CA LEU A 252 -14.02 -32.08 10.09
C LEU A 252 -12.75 -32.38 10.82
N THR A 253 -12.87 -32.67 12.11
CA THR A 253 -11.69 -33.00 12.88
C THR A 253 -10.92 -34.01 12.03
N GLU A 254 -11.60 -35.10 11.68
CA GLU A 254 -11.00 -36.16 10.84
C GLU A 254 -9.92 -35.60 9.94
N PHE A 255 -10.28 -34.58 9.18
CA PHE A 255 -9.32 -33.97 8.28
C PHE A 255 -8.02 -33.69 8.97
N GLN A 256 -7.95 -32.51 9.58
CA GLN A 256 -6.75 -32.10 10.26
C GLN A 256 -6.00 -33.28 10.87
N THR A 257 -6.71 -34.25 11.44
CA THR A 257 -6.04 -35.41 12.02
C THR A 257 -5.39 -36.24 10.93
N ASN A 258 -6.19 -36.76 10.01
CA ASN A 258 -5.68 -37.58 8.93
C ASN A 258 -4.95 -36.77 7.86
N LEU A 259 -5.02 -35.43 7.96
CA LEU A 259 -4.40 -34.55 6.96
C LEU A 259 -3.18 -33.70 7.33
N VAL A 260 -2.97 -33.38 8.59
CA VAL A 260 -1.80 -32.59 8.93
C VAL A 260 -0.82 -33.42 9.76
N PRO A 261 0.41 -33.54 9.26
CA PRO A 261 1.39 -34.32 10.00
C PRO A 261 2.01 -33.42 11.04
N TYR A 262 1.98 -32.12 10.79
CA TYR A 262 2.60 -31.18 11.74
C TYR A 262 1.90 -29.85 11.95
N PRO A 263 1.88 -29.39 13.21
CA PRO A 263 1.26 -28.15 13.67
C PRO A 263 1.20 -26.98 12.71
N ARG A 264 2.16 -26.85 11.81
CA ARG A 264 2.07 -25.74 10.88
C ARG A 264 0.68 -25.95 10.28
N GLY A 265 -0.16 -24.91 10.30
CA GLY A 265 -1.52 -24.99 9.79
C GLY A 265 -1.62 -25.57 8.40
N HIS A 266 -0.69 -26.49 8.14
CA HIS A 266 -0.52 -27.15 6.87
C HIS A 266 -1.63 -26.98 5.88
N PHE A 267 -1.20 -26.75 4.65
CA PHE A 267 -2.07 -26.46 3.57
C PHE A 267 -2.19 -27.52 2.50
N PRO A 268 -3.27 -28.32 2.55
CA PRO A 268 -3.38 -29.32 1.49
C PRO A 268 -3.93 -28.62 0.23
N LEU A 269 -4.09 -29.37 -0.87
CA LEU A 269 -4.60 -28.82 -2.13
C LEU A 269 -5.93 -29.47 -2.50
N ALA A 270 -6.84 -28.72 -3.08
CA ALA A 270 -8.13 -29.31 -3.46
C ALA A 270 -8.11 -29.77 -4.90
N THR A 271 -8.75 -30.90 -5.17
CA THR A 271 -8.78 -31.47 -6.51
C THR A 271 -10.13 -32.12 -6.73
N TYR A 272 -10.64 -32.06 -7.95
CA TYR A 272 -11.92 -32.68 -8.19
C TYR A 272 -11.75 -33.63 -9.37
N ALA A 273 -12.55 -34.70 -9.44
CA ALA A 273 -12.34 -35.61 -10.56
C ALA A 273 -13.18 -35.40 -11.82
N PRO A 274 -14.49 -35.71 -11.76
CA PRO A 274 -15.27 -35.51 -12.99
C PRO A 274 -15.45 -34.05 -13.36
N VAL A 275 -14.40 -33.44 -13.89
CA VAL A 275 -14.47 -32.05 -14.29
C VAL A 275 -14.67 -32.08 -15.78
N ILE A 276 -15.65 -32.85 -16.23
CA ILE A 276 -15.91 -32.94 -17.65
C ILE A 276 -16.98 -31.90 -18.06
N SER A 277 -16.93 -31.49 -19.32
CA SER A 277 -17.85 -30.50 -19.87
C SER A 277 -19.26 -30.98 -20.18
N ALA A 278 -20.28 -30.27 -19.71
CA ALA A 278 -21.65 -30.69 -19.97
C ALA A 278 -22.16 -30.23 -21.32
N GLU A 279 -21.41 -30.54 -22.36
CA GLU A 279 -21.81 -30.17 -23.70
C GLU A 279 -20.95 -30.89 -24.69
N LYS A 280 -19.66 -30.58 -24.62
CA LYS A 280 -18.70 -31.17 -25.53
C LYS A 280 -18.70 -32.67 -25.50
N ALA A 281 -17.64 -33.21 -24.92
CA ALA A 281 -17.45 -34.64 -24.82
C ALA A 281 -18.46 -35.28 -23.89
N TYR A 282 -18.61 -36.58 -24.02
CA TYR A 282 -19.50 -37.33 -23.16
C TYR A 282 -19.18 -38.77 -23.03
N HIS A 283 -18.36 -39.03 -22.02
CA HIS A 283 -17.98 -40.38 -21.71
C HIS A 283 -18.43 -40.48 -20.25
N GLU A 284 -19.01 -39.39 -19.73
CA GLU A 284 -19.51 -39.32 -18.34
C GLU A 284 -19.27 -40.62 -17.56
N GLN A 285 -20.00 -41.69 -17.90
CA GLN A 285 -19.86 -43.00 -17.26
C GLN A 285 -18.41 -43.40 -17.20
N LEU A 286 -17.72 -42.85 -16.22
CA LEU A 286 -16.31 -43.07 -16.06
C LEU A 286 -16.04 -43.74 -14.71
N SER A 287 -16.38 -45.02 -14.60
CA SER A 287 -16.23 -45.76 -13.35
C SER A 287 -15.06 -45.29 -12.50
N VAL A 288 -15.25 -45.45 -11.20
CA VAL A 288 -14.27 -45.07 -10.20
C VAL A 288 -12.86 -45.20 -10.74
N ALA A 289 -12.47 -46.43 -11.04
CA ALA A 289 -11.17 -46.75 -11.56
C ALA A 289 -10.59 -45.62 -12.42
N GLU A 290 -11.45 -44.82 -13.03
CA GLU A 290 -11.00 -43.71 -13.86
C GLU A 290 -10.90 -42.38 -13.15
N ILE A 291 -12.02 -41.96 -12.56
CA ILE A 291 -12.08 -40.68 -11.84
C ILE A 291 -11.01 -40.50 -10.75
N THR A 292 -10.49 -41.60 -10.22
CA THR A 292 -9.50 -41.54 -9.17
C THR A 292 -8.12 -41.33 -9.75
N ASN A 293 -7.91 -41.86 -10.94
CA ASN A 293 -6.63 -41.71 -11.57
C ASN A 293 -6.54 -40.27 -12.06
N ALA A 294 -7.70 -39.70 -12.36
CA ALA A 294 -7.80 -38.35 -12.88
C ALA A 294 -7.54 -37.29 -11.83
N CYS A 295 -7.24 -37.72 -10.62
CA CYS A 295 -6.98 -36.77 -9.57
C CYS A 295 -5.51 -36.49 -9.45
N PHE A 296 -4.70 -37.52 -9.65
CA PHE A 296 -3.25 -37.35 -9.53
C PHE A 296 -2.53 -36.78 -10.73
N GLU A 297 -3.19 -36.75 -11.89
CA GLU A 297 -2.54 -36.13 -13.04
C GLU A 297 -2.57 -34.66 -12.64
N PRO A 298 -1.41 -34.01 -12.66
CA PRO A 298 -1.30 -32.61 -12.27
C PRO A 298 -2.21 -31.59 -12.99
N ALA A 299 -2.75 -31.93 -14.14
CA ALA A 299 -3.58 -30.99 -14.86
C ALA A 299 -5.01 -31.05 -14.41
N ASN A 300 -5.24 -31.09 -13.11
CA ASN A 300 -6.62 -31.14 -12.65
C ASN A 300 -6.69 -30.92 -11.16
N GLN A 301 -5.86 -30.03 -10.66
CA GLN A 301 -5.85 -29.86 -9.23
C GLN A 301 -6.07 -28.50 -8.60
N MET A 302 -6.67 -27.58 -9.32
CA MET A 302 -6.92 -26.28 -8.74
C MET A 302 -5.73 -25.74 -7.96
N VAL A 303 -4.53 -25.89 -8.52
CA VAL A 303 -3.32 -25.37 -7.89
C VAL A 303 -2.09 -25.59 -8.77
N LYS A 304 -1.41 -24.50 -9.07
CA LYS A 304 -0.21 -24.51 -9.92
C LYS A 304 0.97 -25.06 -9.14
N CYS A 305 0.76 -26.18 -8.48
CA CYS A 305 1.81 -26.80 -7.70
C CYS A 305 2.08 -28.19 -8.23
N ASP A 306 1.98 -28.32 -9.56
CA ASP A 306 2.23 -29.58 -10.25
C ASP A 306 3.19 -30.43 -9.41
N PRO A 307 2.84 -31.70 -9.11
CA PRO A 307 3.72 -32.55 -8.31
C PRO A 307 5.10 -32.71 -8.94
N ARG A 308 5.75 -31.55 -9.09
CA ARG A 308 7.07 -31.41 -9.67
C ARG A 308 8.12 -32.20 -8.90
N HIS A 309 7.74 -32.70 -7.74
CA HIS A 309 8.62 -33.49 -6.88
C HIS A 309 7.95 -33.73 -5.55
N GLY A 310 7.07 -32.79 -5.18
CA GLY A 310 6.36 -32.89 -3.93
C GLY A 310 5.72 -34.23 -3.66
N LYS A 311 6.27 -34.95 -2.69
CA LYS A 311 5.75 -36.24 -2.32
C LYS A 311 4.50 -36.03 -1.49
N TYR A 312 3.43 -36.72 -1.85
CA TYR A 312 2.22 -36.60 -1.08
C TYR A 312 2.60 -37.13 0.30
N MET A 313 1.84 -36.76 1.33
CA MET A 313 2.11 -37.25 2.67
C MET A 313 0.81 -37.58 3.36
N ALA A 314 -0.29 -37.44 2.63
CA ALA A 314 -1.61 -37.73 3.16
C ALA A 314 -2.67 -37.15 2.23
N CYS A 315 -3.57 -38.02 1.79
CA CYS A 315 -4.64 -37.61 0.90
C CYS A 315 -5.96 -38.07 1.49
N CYS A 316 -6.98 -37.24 1.34
CA CYS A 316 -8.30 -37.56 1.87
C CYS A 316 -9.23 -37.70 0.70
N LEU A 317 -9.29 -38.89 0.12
CA LEU A 317 -10.14 -39.09 -1.02
C LEU A 317 -11.60 -39.11 -0.69
N LEU A 318 -12.26 -37.97 -0.83
CA LEU A 318 -13.69 -37.90 -0.57
C LEU A 318 -14.45 -38.23 -1.84
N TYR A 319 -15.17 -39.34 -1.81
CA TYR A 319 -15.96 -39.78 -2.94
C TYR A 319 -17.40 -39.49 -2.60
N ARG A 320 -18.23 -39.42 -3.62
CA ARG A 320 -19.64 -39.16 -3.44
C ARG A 320 -20.38 -39.78 -4.61
N GLY A 321 -21.55 -40.32 -4.38
CA GLY A 321 -22.30 -40.95 -5.45
C GLY A 321 -22.23 -42.46 -5.34
N ASP A 322 -22.50 -43.15 -6.44
CA ASP A 322 -22.46 -44.62 -6.45
C ASP A 322 -21.05 -45.19 -6.53
N VAL A 323 -20.53 -45.57 -5.37
CA VAL A 323 -19.18 -46.11 -5.26
C VAL A 323 -19.09 -47.33 -4.33
N VAL A 324 -18.56 -48.43 -4.87
CA VAL A 324 -18.38 -49.68 -4.12
C VAL A 324 -17.04 -49.63 -3.41
N PRO A 325 -17.07 -49.71 -2.08
CA PRO A 325 -15.86 -49.67 -1.27
C PRO A 325 -14.69 -50.51 -1.77
N LYS A 326 -14.99 -51.60 -2.46
CA LYS A 326 -13.93 -52.45 -3.01
C LYS A 326 -13.36 -51.71 -4.20
N ASP A 327 -14.23 -51.12 -5.00
CA ASP A 327 -13.80 -50.37 -6.16
C ASP A 327 -12.73 -49.40 -5.72
N VAL A 328 -12.95 -48.78 -4.57
CA VAL A 328 -12.00 -47.83 -4.00
C VAL A 328 -10.83 -48.58 -3.43
N ASN A 329 -11.12 -49.47 -2.48
CA ASN A 329 -10.09 -50.28 -1.83
C ASN A 329 -9.55 -51.24 -2.89
N ALA A 330 -9.15 -50.65 -4.02
CA ALA A 330 -8.58 -51.36 -5.16
C ALA A 330 -8.03 -50.32 -6.12
N ALA A 331 -8.87 -49.34 -6.44
CA ALA A 331 -8.49 -48.26 -7.31
C ALA A 331 -7.35 -47.51 -6.62
N ILE A 332 -7.40 -47.49 -5.30
CA ILE A 332 -6.38 -46.84 -4.51
C ILE A 332 -5.17 -47.76 -4.40
N ALA A 333 -5.43 -49.07 -4.29
CA ALA A 333 -4.38 -50.07 -4.20
C ALA A 333 -3.53 -49.96 -5.43
N THR A 334 -4.17 -49.92 -6.59
CA THR A 334 -3.47 -49.81 -7.87
C THR A 334 -2.54 -48.59 -7.82
N ILE A 335 -3.05 -47.50 -7.25
CA ILE A 335 -2.28 -46.27 -7.15
C ILE A 335 -1.10 -46.47 -6.20
N LYS A 336 -1.38 -46.93 -4.99
CA LYS A 336 -0.32 -47.14 -4.00
C LYS A 336 0.90 -47.84 -4.60
N THR A 337 0.71 -48.47 -5.75
CA THR A 337 1.80 -49.19 -6.39
C THR A 337 2.19 -48.67 -7.76
N LYS A 338 2.00 -47.37 -7.99
CA LYS A 338 2.36 -46.75 -9.27
C LYS A 338 3.75 -46.14 -9.10
N ARG A 339 4.18 -46.04 -7.84
CA ARG A 339 5.48 -45.51 -7.44
C ARG A 339 5.83 -44.13 -8.00
N THR A 340 5.54 -43.89 -9.27
CA THR A 340 5.83 -42.61 -9.87
C THR A 340 4.99 -41.56 -9.15
N ILE A 341 4.20 -42.02 -8.18
CA ILE A 341 3.33 -41.17 -7.38
C ILE A 341 3.92 -41.06 -5.96
N GLN A 342 5.16 -41.51 -5.83
CA GLN A 342 5.94 -41.50 -4.59
C GLN A 342 5.35 -40.74 -3.39
N PHE A 343 4.97 -41.49 -2.36
CA PHE A 343 4.44 -40.93 -1.11
C PHE A 343 5.60 -40.79 -0.14
N VAL A 344 5.44 -39.97 0.88
CA VAL A 344 6.53 -39.79 1.81
C VAL A 344 6.99 -41.12 2.39
N ASP A 345 8.18 -41.10 2.99
CA ASP A 345 8.77 -42.28 3.60
C ASP A 345 8.05 -42.63 4.89
N TRP A 346 8.23 -41.76 5.86
CA TRP A 346 7.63 -41.94 7.19
C TRP A 346 6.14 -42.15 7.16
N CYS A 347 5.62 -42.38 5.97
CA CYS A 347 4.20 -42.60 5.87
C CYS A 347 3.90 -43.86 5.09
N PRO A 348 3.49 -44.92 5.81
CA PRO A 348 3.13 -46.20 5.20
C PRO A 348 1.99 -46.00 4.26
N THR A 349 0.86 -45.76 4.90
CA THR A 349 -0.42 -45.52 4.22
C THR A 349 -0.98 -44.16 4.63
N GLY A 350 -1.23 -43.36 3.62
CA GLY A 350 -1.78 -42.00 3.79
C GLY A 350 -2.91 -41.78 2.79
N PHE A 351 -3.97 -42.54 3.02
CA PHE A 351 -5.17 -42.50 2.16
C PHE A 351 -6.45 -42.64 2.98
N LYS A 352 -7.02 -41.50 3.29
CA LYS A 352 -8.28 -41.42 4.03
C LYS A 352 -9.43 -41.48 3.02
N VAL A 353 -10.04 -42.64 2.94
CA VAL A 353 -11.16 -42.88 2.01
C VAL A 353 -12.48 -42.47 2.65
N GLY A 354 -13.00 -41.38 2.11
CA GLY A 354 -14.29 -40.81 2.54
C GLY A 354 -15.34 -41.06 1.45
N ILE A 355 -16.33 -41.85 1.85
CA ILE A 355 -17.42 -42.23 0.96
C ILE A 355 -18.75 -41.64 1.44
N ASN A 356 -19.37 -40.93 0.52
CA ASN A 356 -20.68 -40.33 0.72
C ASN A 356 -21.65 -41.04 -0.23
N TYR A 357 -22.92 -40.77 -0.07
CA TYR A 357 -23.94 -41.42 -0.90
C TYR A 357 -24.37 -40.54 -2.07
N GLU A 358 -25.17 -39.54 -1.75
CA GLU A 358 -25.72 -38.61 -2.74
C GLU A 358 -24.66 -38.16 -3.74
N PRO A 359 -24.87 -38.41 -5.06
CA PRO A 359 -23.93 -37.99 -6.08
C PRO A 359 -23.78 -36.49 -6.06
N PRO A 360 -22.84 -35.89 -6.83
CA PRO A 360 -22.67 -34.44 -6.87
C PRO A 360 -23.96 -33.76 -7.37
N THR A 361 -23.93 -32.43 -7.43
CA THR A 361 -25.08 -31.69 -7.89
C THR A 361 -24.61 -30.46 -8.65
N VAL A 362 -24.64 -30.57 -9.96
CA VAL A 362 -24.20 -29.53 -10.86
C VAL A 362 -25.24 -28.46 -11.12
N VAL A 363 -24.75 -27.24 -11.30
CA VAL A 363 -25.60 -26.10 -11.60
C VAL A 363 -26.48 -26.51 -12.78
N PRO A 364 -27.78 -26.20 -12.71
CA PRO A 364 -28.77 -26.52 -13.75
C PRO A 364 -28.25 -26.36 -15.17
N GLY A 365 -27.54 -25.27 -15.42
CA GLY A 365 -27.04 -25.02 -16.75
C GLY A 365 -25.78 -24.19 -16.85
N GLY A 366 -24.80 -24.48 -16.00
CA GLY A 366 -23.56 -23.75 -16.05
C GLY A 366 -22.70 -24.34 -17.17
N ASP A 367 -21.74 -25.18 -16.79
CA ASP A 367 -20.88 -25.83 -17.76
C ASP A 367 -20.26 -27.10 -17.18
N LEU A 368 -20.73 -27.49 -16.00
CA LEU A 368 -20.23 -28.69 -15.33
C LEU A 368 -21.00 -29.89 -15.83
N ALA A 369 -20.26 -30.89 -16.30
CA ALA A 369 -20.84 -32.12 -16.83
C ALA A 369 -22.13 -32.59 -16.15
N LYS A 370 -21.95 -33.20 -14.98
CA LYS A 370 -23.00 -33.76 -14.12
C LYS A 370 -22.94 -35.29 -14.23
N VAL A 371 -22.00 -35.84 -13.47
CA VAL A 371 -21.76 -37.27 -13.41
C VAL A 371 -22.52 -37.84 -12.23
N GLN A 372 -22.39 -39.14 -12.00
CA GLN A 372 -23.04 -39.81 -10.89
C GLN A 372 -22.00 -40.36 -9.94
N ARG A 373 -20.95 -39.58 -9.74
CA ARG A 373 -19.87 -39.94 -8.85
C ARG A 373 -18.69 -39.02 -9.12
N ALA A 374 -18.01 -38.61 -8.05
CA ALA A 374 -16.87 -37.71 -8.15
C ALA A 374 -15.88 -37.95 -7.04
N VAL A 375 -14.68 -37.41 -7.21
CA VAL A 375 -13.58 -37.55 -6.25
C VAL A 375 -12.92 -36.23 -5.92
N CYS A 376 -13.27 -35.66 -4.77
CA CYS A 376 -12.70 -34.39 -4.31
C CYS A 376 -11.58 -34.78 -3.36
N MET A 377 -10.41 -35.03 -3.93
CA MET A 377 -9.27 -35.42 -3.15
C MET A 377 -8.44 -34.21 -2.84
N LEU A 378 -8.08 -34.07 -1.58
CA LEU A 378 -7.27 -32.98 -1.14
C LEU A 378 -6.09 -33.63 -0.46
N SER A 379 -4.98 -32.90 -0.35
CA SER A 379 -3.78 -33.47 0.24
C SER A 379 -2.67 -32.50 0.55
N ASN A 380 -1.75 -32.97 1.38
CA ASN A 380 -0.57 -32.20 1.74
C ASN A 380 0.50 -32.82 0.86
N THR A 381 1.15 -31.97 0.06
CA THR A 381 2.18 -32.43 -0.85
C THR A 381 3.42 -31.59 -0.65
N THR A 382 4.56 -32.25 -0.54
CA THR A 382 5.84 -31.57 -0.38
C THR A 382 6.01 -30.63 -1.58
N ALA A 383 5.00 -30.63 -2.44
CA ALA A 383 5.01 -29.83 -3.62
C ALA A 383 4.97 -28.36 -3.33
N ILE A 384 4.09 -27.94 -2.42
CA ILE A 384 4.00 -26.53 -2.13
C ILE A 384 5.34 -25.93 -1.74
N ALA A 385 6.33 -26.78 -1.50
CA ALA A 385 7.68 -26.31 -1.18
C ALA A 385 7.95 -25.29 -2.26
N GLU A 386 7.43 -25.59 -3.45
CA GLU A 386 7.54 -24.71 -4.59
C GLU A 386 6.68 -23.49 -4.30
N ALA A 387 5.42 -23.56 -4.71
CA ALA A 387 4.44 -22.48 -4.55
C ALA A 387 4.76 -21.44 -3.47
N TRP A 388 5.23 -21.88 -2.30
CA TRP A 388 5.59 -20.95 -1.24
C TRP A 388 6.86 -20.27 -1.66
N ALA A 389 7.84 -21.05 -2.07
CA ALA A 389 9.12 -20.54 -2.54
C ALA A 389 8.86 -19.39 -3.51
N ARG A 390 8.34 -19.74 -4.68
CA ARG A 390 8.03 -18.78 -5.74
C ARG A 390 7.25 -17.55 -5.28
N LEU A 391 6.57 -17.64 -4.15
CA LEU A 391 5.77 -16.53 -3.68
C LEU A 391 6.54 -15.72 -2.68
N ASP A 392 7.51 -16.37 -2.06
CA ASP A 392 8.35 -15.74 -1.07
C ASP A 392 9.33 -14.87 -1.81
N HIS A 393 10.00 -15.47 -2.79
CA HIS A 393 10.97 -14.79 -3.62
C HIS A 393 10.37 -13.47 -4.08
N LYS A 394 9.18 -13.53 -4.67
CA LYS A 394 8.44 -12.33 -5.11
C LYS A 394 8.66 -11.23 -4.09
N PHE A 395 8.12 -11.48 -2.90
CA PHE A 395 8.19 -10.59 -1.75
C PHE A 395 9.52 -9.86 -1.64
N ASP A 396 10.58 -10.64 -1.47
CA ASP A 396 11.92 -10.09 -1.34
C ASP A 396 12.20 -9.03 -2.39
N LEU A 397 12.11 -9.42 -3.64
CA LEU A 397 12.37 -8.48 -4.71
C LEU A 397 11.87 -7.10 -4.37
N MET A 398 10.61 -7.00 -3.97
CA MET A 398 10.02 -5.71 -3.64
C MET A 398 10.51 -5.15 -2.32
N TYR A 399 10.47 -5.98 -1.29
CA TYR A 399 10.92 -5.55 0.02
C TYR A 399 12.35 -5.06 -0.14
N ALA A 400 13.11 -5.77 -0.95
CA ALA A 400 14.49 -5.43 -1.19
C ALA A 400 14.63 -3.96 -1.56
N LYS A 401 13.52 -3.34 -1.97
CA LYS A 401 13.52 -1.93 -2.36
C LYS A 401 12.44 -1.16 -1.62
N ARG A 402 11.81 -1.84 -0.67
CA ARG A 402 10.77 -1.26 0.14
C ARG A 402 9.50 -0.99 -0.66
N ALA A 403 9.60 -1.05 -1.97
CA ALA A 403 8.47 -0.78 -2.84
C ALA A 403 7.34 -0.14 -2.06
N PHE A 404 6.16 -0.72 -2.10
CA PHE A 404 5.00 -0.13 -1.43
C PHE A 404 5.02 -0.29 0.07
N VAL A 405 6.18 -0.09 0.68
CA VAL A 405 6.24 -0.25 2.12
C VAL A 405 5.59 0.93 2.82
N HIS A 406 5.87 2.13 2.36
CA HIS A 406 5.29 3.28 3.04
C HIS A 406 3.79 3.19 3.18
N TRP A 407 3.18 2.27 2.46
CA TRP A 407 1.74 2.15 2.51
C TRP A 407 1.28 1.39 3.71
N TYR A 408 2.17 0.59 4.28
CA TYR A 408 1.79 -0.19 5.45
C TYR A 408 2.25 0.52 6.69
N VAL A 409 3.51 0.93 6.69
CA VAL A 409 4.08 1.61 7.83
C VAL A 409 3.10 2.66 8.28
N GLY A 410 2.72 3.51 7.33
CA GLY A 410 1.78 4.58 7.63
C GLY A 410 0.44 4.02 8.03
N GLU A 411 0.39 2.71 8.27
CA GLU A 411 -0.84 2.06 8.65
C GLU A 411 -0.65 1.19 9.87
N GLY A 412 0.26 1.57 10.74
CA GLY A 412 0.47 0.80 11.96
C GLY A 412 1.09 -0.57 11.79
N MET A 413 2.28 -0.57 11.22
CA MET A 413 3.08 -1.77 10.97
C MET A 413 4.50 -1.28 11.13
N GLU A 414 5.48 -2.14 10.89
CA GLU A 414 6.84 -1.70 11.06
C GLU A 414 7.78 -2.56 10.24
N GLU A 415 9.06 -2.17 10.21
CA GLU A 415 10.05 -2.96 9.48
C GLU A 415 10.05 -4.33 10.14
N GLY A 416 9.51 -4.38 11.35
CA GLY A 416 9.44 -5.62 12.07
C GLY A 416 8.53 -6.59 11.36
N GLU A 417 7.23 -6.37 11.48
CA GLU A 417 6.25 -7.26 10.88
C GLU A 417 6.61 -7.80 9.51
N PHE A 418 7.26 -7.01 8.67
CA PHE A 418 7.63 -7.54 7.35
C PHE A 418 8.80 -8.48 7.53
N SER A 419 9.97 -7.93 7.82
CA SER A 419 11.17 -8.73 8.01
C SER A 419 10.96 -9.91 8.93
N GLU A 420 10.13 -9.75 9.95
CA GLU A 420 9.92 -10.82 10.89
C GLU A 420 8.85 -11.82 10.46
N ALA A 421 8.19 -11.56 9.34
CA ALA A 421 7.18 -12.47 8.80
C ALA A 421 7.77 -13.14 7.59
N ARG A 422 8.91 -12.60 7.17
CA ARG A 422 9.64 -13.13 6.06
C ARG A 422 10.40 -14.31 6.67
N GLU A 423 11.14 -14.01 7.75
CA GLU A 423 11.88 -15.04 8.46
C GLU A 423 10.91 -16.16 8.77
N ASP A 424 9.67 -15.78 9.08
CA ASP A 424 8.61 -16.73 9.41
C ASP A 424 8.52 -17.78 8.32
N MET A 425 8.04 -17.36 7.16
CA MET A 425 7.89 -18.28 6.05
C MET A 425 9.19 -18.99 5.72
N ALA A 426 10.32 -18.32 5.91
CA ALA A 426 11.60 -18.95 5.62
C ALA A 426 11.59 -20.37 6.19
N ALA A 427 11.20 -20.49 7.46
CA ALA A 427 11.12 -21.79 8.15
C ALA A 427 9.89 -22.58 7.75
N LEU A 428 9.29 -22.17 6.63
CA LEU A 428 8.13 -22.85 6.10
C LEU A 428 8.61 -23.46 4.79
N GLU A 429 9.74 -22.94 4.33
CA GLU A 429 10.41 -23.40 3.12
C GLU A 429 11.34 -24.53 3.55
N LYS A 430 11.77 -24.47 4.81
CA LYS A 430 12.66 -25.48 5.37
C LYS A 430 11.79 -26.60 5.91
N ASP A 431 10.66 -26.21 6.49
CA ASP A 431 9.72 -27.17 7.05
C ASP A 431 9.22 -28.11 5.98
N TYR A 432 8.58 -27.55 4.96
CA TYR A 432 8.04 -28.32 3.85
C TYR A 432 9.12 -29.06 3.08
N GLU A 433 10.37 -28.79 3.45
CA GLU A 433 11.53 -29.42 2.83
C GLU A 433 11.98 -30.60 3.68
N GLU A 434 12.09 -30.36 4.98
CA GLU A 434 12.52 -31.39 5.91
C GLU A 434 11.52 -32.54 6.05
N VAL A 435 10.24 -32.22 6.20
CA VAL A 435 9.22 -33.25 6.36
C VAL A 435 9.17 -34.15 5.14
N GLY A 436 10.04 -33.88 4.17
CA GLY A 436 10.08 -34.68 2.97
C GLY A 436 11.47 -34.65 2.36
N VAL A 437 11.59 -35.13 1.13
CA VAL A 437 12.87 -35.14 0.42
C VAL A 437 13.95 -35.92 1.19
N ASP A 438 13.66 -36.25 2.45
CA ASP A 438 14.61 -36.96 3.30
C ASP A 438 14.00 -38.21 3.95
N SER A 439 14.84 -39.21 4.22
CA SER A 439 14.37 -40.44 4.83
C SER A 439 15.13 -40.80 6.11
N ARG B 2 -18.73 5.38 0.03
CA ARG B 2 -17.51 6.26 -0.08
C ARG B 2 -17.86 7.52 -0.84
N GLU B 3 -16.93 8.46 -0.93
CA GLU B 3 -17.15 9.74 -1.63
C GLU B 3 -15.87 10.45 -2.10
N ILE B 4 -16.06 11.55 -2.82
CA ILE B 4 -14.98 12.39 -3.34
C ILE B 4 -15.57 13.79 -3.63
N VAL B 5 -14.71 14.80 -3.70
CA VAL B 5 -15.19 16.14 -4.03
C VAL B 5 -14.26 16.83 -5.05
N HIS B 6 -14.72 16.84 -6.28
CA HIS B 6 -14.01 17.41 -7.40
C HIS B 6 -13.60 18.84 -7.13
N ILE B 7 -12.53 19.28 -7.79
CA ILE B 7 -12.04 20.65 -7.64
C ILE B 7 -11.56 21.25 -8.98
N GLN B 8 -12.32 22.21 -9.50
CA GLN B 8 -12.05 22.88 -10.79
C GLN B 8 -11.17 24.14 -10.66
N ALA B 9 -9.89 23.96 -10.36
CA ALA B 9 -8.97 25.09 -10.21
C ALA B 9 -8.57 25.77 -11.52
N GLY B 10 -8.68 27.09 -11.55
CA GLY B 10 -8.30 27.82 -12.74
C GLY B 10 -9.35 27.74 -13.85
N GLN B 11 -9.01 28.23 -15.04
CA GLN B 11 -9.93 28.19 -16.17
C GLN B 11 -9.90 26.79 -16.75
N CYS B 12 -8.71 26.38 -17.19
CA CYS B 12 -8.58 25.05 -17.76
C CYS B 12 -9.27 24.06 -16.87
N GLY B 13 -8.68 23.84 -15.71
CA GLY B 13 -9.26 22.89 -14.76
C GLY B 13 -10.75 23.07 -14.71
N ASN B 14 -11.18 24.30 -14.98
CA ASN B 14 -12.60 24.61 -14.96
C ASN B 14 -13.24 24.15 -16.27
N GLN B 15 -12.73 24.65 -17.39
CA GLN B 15 -13.25 24.29 -18.71
C GLN B 15 -13.49 22.79 -18.73
N ILE B 16 -12.49 22.05 -18.27
CA ILE B 16 -12.54 20.59 -18.18
C ILE B 16 -13.64 20.12 -17.22
N GLY B 17 -13.85 20.88 -16.15
CA GLY B 17 -14.88 20.52 -15.22
C GLY B 17 -16.15 20.32 -16.03
N ALA B 18 -16.45 21.29 -16.87
CA ALA B 18 -17.64 21.23 -17.69
C ALA B 18 -17.68 19.95 -18.50
N LYS B 19 -16.52 19.47 -18.94
CA LYS B 19 -16.50 18.25 -19.74
C LYS B 19 -16.50 17.02 -18.86
N PHE B 20 -15.83 17.09 -17.72
CA PHE B 20 -15.82 15.95 -16.82
C PHE B 20 -17.21 15.72 -16.27
N TRP B 21 -17.94 16.80 -16.07
CA TRP B 21 -19.28 16.66 -15.55
C TRP B 21 -20.28 16.46 -16.66
N GLU B 22 -19.93 16.94 -17.85
CA GLU B 22 -20.79 16.74 -19.00
C GLU B 22 -20.94 15.24 -19.08
N VAL B 23 -19.81 14.56 -19.17
CA VAL B 23 -19.74 13.11 -19.26
C VAL B 23 -20.40 12.45 -18.05
N ILE B 24 -19.59 12.27 -17.02
CA ILE B 24 -19.97 11.66 -15.77
C ILE B 24 -21.48 11.66 -15.52
N SER B 25 -22.14 12.80 -15.73
CA SER B 25 -23.57 12.90 -15.50
C SER B 25 -24.31 11.87 -16.34
N ASP B 26 -24.09 11.92 -17.65
CA ASP B 26 -24.71 10.98 -18.61
C ASP B 26 -24.36 9.55 -18.20
N GLU B 27 -23.19 9.38 -17.58
CA GLU B 27 -22.71 8.09 -17.11
C GLU B 27 -23.33 7.90 -15.73
N HIS B 28 -24.40 8.64 -15.48
CA HIS B 28 -25.11 8.58 -14.23
C HIS B 28 -26.52 9.16 -14.38
N GLY B 29 -26.96 9.28 -15.64
CA GLY B 29 -28.29 9.80 -15.95
C GLY B 29 -28.80 11.04 -15.23
N ILE B 30 -27.93 12.02 -15.06
CA ILE B 30 -28.31 13.25 -14.39
C ILE B 30 -28.36 14.41 -15.40
N ASP B 31 -29.59 14.80 -15.73
CA ASP B 31 -29.84 15.90 -16.68
C ASP B 31 -29.53 17.22 -16.00
N PRO B 32 -29.23 18.27 -16.77
CA PRO B 32 -28.91 19.59 -16.21
C PRO B 32 -29.28 19.73 -14.74
N THR B 33 -30.53 20.05 -14.44
CA THR B 33 -30.97 20.17 -13.06
C THR B 33 -31.82 18.94 -12.74
N GLY B 34 -32.20 18.22 -13.79
CA GLY B 34 -33.00 17.02 -13.64
C GLY B 34 -32.40 16.05 -12.64
N SER B 35 -32.98 14.86 -12.57
CA SER B 35 -32.51 13.84 -11.64
C SER B 35 -31.85 12.68 -12.35
N TYR B 36 -32.19 11.49 -11.85
CA TYR B 36 -31.66 10.25 -12.40
C TYR B 36 -32.61 9.62 -13.42
N HIS B 37 -32.34 9.87 -14.69
CA HIS B 37 -33.13 9.28 -15.79
C HIS B 37 -32.53 7.94 -16.13
N GLY B 38 -31.39 7.67 -15.51
CA GLY B 38 -30.63 6.43 -15.69
C GLY B 38 -31.32 5.31 -16.43
N ASP B 39 -30.77 4.97 -17.60
CA ASP B 39 -31.30 3.90 -18.41
C ASP B 39 -31.40 2.65 -17.54
N SER B 40 -30.52 2.56 -16.55
CA SER B 40 -30.51 1.42 -15.65
C SER B 40 -30.88 1.82 -14.22
N ASP B 41 -30.51 0.98 -13.26
CA ASP B 41 -30.81 1.21 -11.85
C ASP B 41 -29.51 1.15 -11.05
N LEU B 42 -28.44 0.73 -11.72
CA LEU B 42 -27.12 0.60 -11.09
C LEU B 42 -26.33 1.90 -11.07
N GLN B 43 -26.66 2.81 -11.98
CA GLN B 43 -25.97 4.10 -12.08
C GLN B 43 -26.46 5.03 -10.97
N LEU B 44 -26.97 4.46 -9.89
CA LEU B 44 -27.51 5.25 -8.80
C LEU B 44 -27.13 4.82 -7.39
N GLU B 45 -26.95 3.52 -7.19
CA GLU B 45 -26.60 3.00 -5.88
C GLU B 45 -25.27 3.52 -5.35
N ARG B 46 -24.48 4.13 -6.23
CA ARG B 46 -23.17 4.60 -5.82
C ARG B 46 -22.90 6.07 -6.19
N ILE B 47 -23.88 6.74 -6.79
CA ILE B 47 -23.68 8.14 -7.20
C ILE B 47 -23.05 8.99 -6.12
N ASN B 48 -23.63 8.95 -4.93
CA ASN B 48 -23.16 9.73 -3.78
C ASN B 48 -21.74 10.20 -3.97
N VAL B 49 -20.85 9.31 -4.39
CA VAL B 49 -19.46 9.64 -4.63
C VAL B 49 -19.24 11.04 -5.23
N TYR B 50 -20.22 11.52 -6.01
CA TYR B 50 -20.11 12.83 -6.67
C TYR B 50 -21.28 13.80 -6.49
N TYR B 51 -22.32 13.43 -5.75
CA TYR B 51 -23.45 14.33 -5.60
C TYR B 51 -23.98 14.47 -4.18
N ASN B 52 -25.11 15.15 -4.04
CA ASN B 52 -25.75 15.35 -2.74
C ASN B 52 -27.27 15.38 -2.85
N GLU B 53 -27.93 14.84 -1.84
CA GLU B 53 -29.39 14.78 -1.80
C GLU B 53 -30.01 15.99 -1.10
N ALA B 54 -30.82 16.75 -1.84
CA ALA B 54 -31.50 17.93 -1.29
C ALA B 54 -32.98 17.85 -1.64
N ALA B 55 -33.30 18.11 -2.90
CA ALA B 55 -34.69 18.07 -3.35
C ALA B 55 -35.18 16.62 -3.44
N GLY B 56 -34.88 15.97 -4.56
CA GLY B 56 -35.30 14.59 -4.76
C GLY B 56 -35.20 14.26 -6.24
N ASN B 57 -34.74 15.27 -6.99
CA ASN B 57 -34.56 15.19 -8.43
C ASN B 57 -33.32 16.02 -8.72
N LYS B 58 -32.81 16.65 -7.68
CA LYS B 58 -31.64 17.51 -7.82
C LYS B 58 -30.43 16.98 -7.05
N TYR B 59 -29.66 16.13 -7.72
CA TYR B 59 -28.44 15.59 -7.15
C TYR B 59 -27.40 16.53 -7.71
N VAL B 60 -26.87 17.43 -6.87
CA VAL B 60 -25.90 18.40 -7.33
C VAL B 60 -24.45 17.98 -7.22
N PRO B 61 -23.70 18.15 -8.32
CA PRO B 61 -22.29 17.79 -8.31
C PRO B 61 -21.58 18.44 -7.14
N ARG B 62 -20.80 17.65 -6.43
CA ARG B 62 -20.08 18.12 -5.27
C ARG B 62 -18.62 18.43 -5.64
N ALA B 63 -18.46 19.52 -6.38
CA ALA B 63 -17.15 19.97 -6.81
C ALA B 63 -16.95 21.42 -6.38
N ILE B 64 -15.76 21.95 -6.67
CA ILE B 64 -15.51 23.34 -6.33
C ILE B 64 -15.02 24.03 -7.59
N LEU B 65 -15.45 25.27 -7.80
CA LEU B 65 -15.05 26.04 -8.97
C LEU B 65 -14.27 27.27 -8.51
N VAL B 66 -12.96 27.13 -8.55
CA VAL B 66 -12.04 28.17 -8.12
C VAL B 66 -11.39 28.88 -9.31
N ASP B 67 -11.53 30.20 -9.34
CA ASP B 67 -10.98 31.00 -10.43
C ASP B 67 -11.04 32.51 -10.17
N LEU B 68 -9.98 33.21 -10.55
CA LEU B 68 -9.87 34.66 -10.35
C LEU B 68 -10.29 35.46 -11.58
N GLU B 69 -10.90 34.79 -12.54
CA GLU B 69 -11.35 35.42 -13.78
C GLU B 69 -12.83 35.13 -13.88
N PRO B 70 -13.67 36.15 -13.67
CA PRO B 70 -15.10 35.90 -13.76
C PRO B 70 -15.52 35.26 -15.10
N GLY B 71 -15.40 36.01 -16.20
CA GLY B 71 -15.77 35.51 -17.51
C GLY B 71 -15.77 34.00 -17.69
N THR B 72 -14.73 33.33 -17.17
CA THR B 72 -14.63 31.88 -17.29
C THR B 72 -15.82 31.17 -16.67
N MET B 73 -15.83 31.10 -15.34
CA MET B 73 -16.93 30.44 -14.63
C MET B 73 -18.28 30.98 -15.10
N ASP B 74 -18.26 32.19 -15.66
CA ASP B 74 -19.48 32.82 -16.18
C ASP B 74 -19.75 32.41 -17.61
N SER B 75 -19.01 31.41 -18.08
CA SER B 75 -19.18 30.85 -19.42
C SER B 75 -19.60 29.40 -19.18
N VAL B 76 -19.06 28.85 -18.10
CA VAL B 76 -19.36 27.49 -17.69
C VAL B 76 -20.70 27.49 -16.99
N ARG B 77 -21.03 28.60 -16.35
CA ARG B 77 -22.30 28.71 -15.64
C ARG B 77 -23.41 29.26 -16.53
N SER B 78 -23.04 29.77 -17.72
CA SER B 78 -24.02 30.33 -18.64
C SER B 78 -24.25 29.47 -19.89
N GLY B 79 -23.74 28.25 -19.88
CA GLY B 79 -23.91 27.37 -21.02
C GLY B 79 -24.79 26.16 -20.75
N PRO B 80 -24.36 24.95 -21.20
CA PRO B 80 -25.13 23.73 -20.98
C PRO B 80 -25.34 23.37 -19.51
N PHE B 81 -24.76 22.27 -19.07
CA PHE B 81 -24.89 21.80 -17.70
C PHE B 81 -24.50 22.85 -16.65
N GLY B 82 -24.10 24.03 -17.12
CA GLY B 82 -23.68 25.06 -16.20
C GLY B 82 -24.62 25.40 -15.05
N GLN B 83 -25.90 25.09 -15.20
CA GLN B 83 -26.86 25.42 -14.15
C GLN B 83 -27.22 24.28 -13.20
N ILE B 84 -26.24 23.44 -12.88
CA ILE B 84 -26.47 22.31 -11.97
C ILE B 84 -25.67 22.50 -10.69
N PHE B 85 -24.60 23.29 -10.78
CA PHE B 85 -23.76 23.56 -9.61
C PHE B 85 -24.52 24.54 -8.72
N ARG B 86 -24.54 24.27 -7.42
CA ARG B 86 -25.19 25.19 -6.49
C ARG B 86 -24.24 26.39 -6.51
N PRO B 87 -24.78 27.62 -6.60
CA PRO B 87 -23.95 28.84 -6.65
C PRO B 87 -22.88 28.88 -5.56
N ASP B 88 -23.18 28.26 -4.44
CA ASP B 88 -22.27 28.21 -3.31
C ASP B 88 -20.91 27.64 -3.78
N ASN B 89 -20.96 26.79 -4.80
CA ASN B 89 -19.76 26.14 -5.36
C ASN B 89 -18.80 27.11 -6.04
N PHE B 90 -19.34 28.16 -6.64
CA PHE B 90 -18.53 29.15 -7.34
C PHE B 90 -17.69 30.03 -6.43
N VAL B 91 -16.42 29.71 -6.25
CA VAL B 91 -15.55 30.55 -5.44
C VAL B 91 -14.71 31.35 -6.42
N PHE B 92 -15.26 32.48 -6.83
CA PHE B 92 -14.63 33.37 -7.78
C PHE B 92 -13.70 34.39 -7.12
N GLY B 93 -12.89 35.04 -7.93
CA GLY B 93 -11.98 36.07 -7.43
C GLY B 93 -11.96 37.11 -8.52
N GLN B 94 -12.95 38.01 -8.53
CA GLN B 94 -13.05 39.03 -9.56
C GLN B 94 -11.79 39.88 -9.75
N SER B 95 -10.80 39.63 -8.91
CA SER B 95 -9.51 40.35 -8.97
C SER B 95 -8.93 40.21 -10.39
N GLY B 96 -7.67 40.58 -10.54
CA GLY B 96 -7.04 40.44 -11.84
C GLY B 96 -6.40 39.06 -11.84
N ALA B 97 -7.03 38.10 -12.50
CA ALA B 97 -6.52 36.73 -12.53
C ALA B 97 -5.17 36.59 -13.27
N GLY B 98 -4.30 37.58 -13.09
CA GLY B 98 -3.00 37.57 -13.74
C GLY B 98 -2.41 36.20 -13.94
N ASN B 99 -1.70 36.03 -15.05
CA ASN B 99 -1.10 34.74 -15.40
C ASN B 99 0.13 34.38 -14.59
N ASN B 100 0.19 34.89 -13.38
CA ASN B 100 1.33 34.66 -12.51
C ASN B 100 1.06 33.67 -11.39
N TRP B 101 1.90 32.63 -11.32
CA TRP B 101 1.79 31.61 -10.29
C TRP B 101 1.79 32.30 -8.95
N ALA B 102 2.62 33.31 -8.86
CA ALA B 102 2.77 34.08 -7.65
C ALA B 102 1.54 34.92 -7.40
N LYS B 103 0.85 35.32 -8.45
CA LYS B 103 -0.33 36.16 -8.26
C LYS B 103 -1.55 35.38 -7.81
N GLY B 104 -1.52 34.06 -7.99
CA GLY B 104 -2.65 33.26 -7.57
C GLY B 104 -2.30 32.31 -6.43
N HIS B 105 -1.10 32.44 -5.89
CA HIS B 105 -0.68 31.57 -4.81
C HIS B 105 -0.28 32.35 -3.58
N TYR B 106 0.23 33.57 -3.76
CA TYR B 106 0.65 34.39 -2.62
C TYR B 106 -0.09 35.69 -2.40
N THR B 107 -0.42 36.36 -3.48
CA THR B 107 -1.05 37.64 -3.35
C THR B 107 -2.52 37.72 -3.61
N GLU B 108 -2.96 37.25 -4.76
CA GLU B 108 -4.36 37.34 -5.07
C GLU B 108 -5.11 36.12 -4.58
N GLY B 109 -4.62 34.93 -4.92
CA GLY B 109 -5.30 33.72 -4.51
C GLY B 109 -5.35 33.50 -3.01
N ALA B 110 -4.26 33.82 -2.32
CA ALA B 110 -4.18 33.63 -0.89
C ALA B 110 -5.37 34.22 -0.14
N GLU B 111 -6.02 35.21 -0.74
CA GLU B 111 -7.15 35.82 -0.07
C GLU B 111 -8.38 34.96 -0.27
N LEU B 112 -8.65 34.65 -1.53
CA LEU B 112 -9.81 33.86 -1.91
C LEU B 112 -9.79 32.43 -1.35
N VAL B 113 -8.64 32.02 -0.83
CA VAL B 113 -8.48 30.68 -0.28
C VAL B 113 -9.42 30.33 0.87
N ASP B 114 -9.39 31.15 1.92
CA ASP B 114 -10.23 30.90 3.08
C ASP B 114 -11.70 30.74 2.69
N SER B 115 -12.16 31.55 1.72
CA SER B 115 -13.54 31.47 1.26
C SER B 115 -13.74 30.22 0.41
N VAL B 116 -12.67 29.46 0.20
CA VAL B 116 -12.76 28.23 -0.58
C VAL B 116 -12.77 27.13 0.46
N LEU B 117 -11.68 27.02 1.22
CA LEU B 117 -11.57 25.99 2.24
C LEU B 117 -12.88 25.85 2.99
N ASP B 118 -13.53 26.99 3.17
CA ASP B 118 -14.81 27.09 3.86
C ASP B 118 -15.74 26.07 3.23
N VAL B 119 -15.89 26.16 1.92
CA VAL B 119 -16.77 25.27 1.20
C VAL B 119 -16.20 23.85 1.11
N VAL B 120 -14.92 23.72 0.80
CA VAL B 120 -14.31 22.40 0.70
C VAL B 120 -14.57 21.61 1.99
N ARG B 121 -14.97 22.31 3.05
CA ARG B 121 -15.29 21.69 4.33
C ARG B 121 -16.78 21.44 4.39
N LYS B 122 -17.56 22.36 3.82
CA LYS B 122 -19.00 22.19 3.80
C LYS B 122 -19.33 20.94 2.99
N GLU B 123 -18.52 20.68 1.97
CA GLU B 123 -18.73 19.52 1.09
C GLU B 123 -18.14 18.25 1.67
N SER B 124 -17.02 18.37 2.37
CA SER B 124 -16.37 17.21 2.97
C SER B 124 -17.22 16.66 4.10
N GLU B 125 -17.72 17.58 4.93
CA GLU B 125 -18.56 17.24 6.07
C GLU B 125 -19.99 17.00 5.61
N SER B 126 -20.14 16.75 4.30
CA SER B 126 -21.44 16.47 3.72
C SER B 126 -22.00 15.32 4.53
N CYS B 127 -21.67 14.11 4.10
CA CYS B 127 -22.14 12.92 4.80
C CYS B 127 -21.24 11.71 4.56
N ASP B 128 -21.72 10.57 5.06
CA ASP B 128 -21.03 9.28 4.97
C ASP B 128 -19.53 9.42 5.23
N CYS B 129 -18.74 8.73 4.43
CA CYS B 129 -17.28 8.76 4.57
C CYS B 129 -16.58 9.28 3.32
N LEU B 130 -15.70 10.24 3.52
CA LEU B 130 -14.95 10.83 2.42
C LEU B 130 -13.74 9.96 2.06
N GLN B 131 -13.50 9.88 0.77
CA GLN B 131 -12.39 9.10 0.20
C GLN B 131 -11.21 10.01 -0.14
N GLY B 132 -11.51 10.98 -1.01
CA GLY B 132 -10.50 11.96 -1.47
C GLY B 132 -11.16 13.02 -2.37
N PHE B 133 -10.30 13.86 -2.92
CA PHE B 133 -10.73 14.96 -3.81
C PHE B 133 -10.02 14.89 -5.17
N GLN B 134 -10.82 15.16 -6.20
CA GLN B 134 -10.35 15.23 -7.59
C GLN B 134 -9.96 16.67 -7.87
N LEU B 135 -8.81 16.84 -8.52
CA LEU B 135 -8.30 18.18 -8.82
C LEU B 135 -7.87 18.30 -10.27
N THR B 136 -8.53 19.25 -10.94
CA THR B 136 -8.26 19.57 -12.35
C THR B 136 -7.70 20.99 -12.42
N HIS B 137 -6.75 21.13 -13.33
CA HIS B 137 -6.07 22.41 -13.56
C HIS B 137 -4.92 22.24 -14.54
N SER B 138 -4.34 23.37 -14.86
CA SER B 138 -3.19 23.44 -15.77
C SER B 138 -2.03 24.09 -15.03
N LEU B 139 -0.85 23.52 -15.21
CA LEU B 139 0.34 24.00 -14.57
C LEU B 139 1.01 25.09 -15.38
N GLY B 140 0.21 25.81 -16.15
CA GLY B 140 0.75 26.88 -16.97
C GLY B 140 -0.02 28.18 -16.88
N GLY B 141 -0.33 28.60 -15.65
CA GLY B 141 -1.09 29.83 -15.42
C GLY B 141 -1.23 30.17 -13.95
N GLY B 142 -1.96 31.25 -13.67
CA GLY B 142 -2.14 31.66 -12.29
C GLY B 142 -3.14 30.82 -11.54
N THR B 143 -4.43 31.08 -11.75
CA THR B 143 -5.50 30.35 -11.09
C THR B 143 -5.36 28.84 -11.15
N GLY B 144 -4.46 28.36 -12.00
CA GLY B 144 -4.30 26.94 -12.12
C GLY B 144 -3.21 26.37 -11.25
N SER B 145 -1.97 26.66 -11.62
CA SER B 145 -0.82 26.16 -10.88
C SER B 145 -0.65 26.77 -9.50
N GLY B 146 -0.78 28.08 -9.41
CA GLY B 146 -0.61 28.76 -8.14
C GLY B 146 -1.75 28.53 -7.17
N MET B 147 -2.89 29.14 -7.44
CA MET B 147 -4.04 29.02 -6.56
C MET B 147 -4.59 27.61 -6.34
N GLY B 148 -4.48 26.75 -7.35
CA GLY B 148 -4.98 25.40 -7.21
C GLY B 148 -3.97 24.57 -6.44
N THR B 149 -2.71 24.92 -6.60
CA THR B 149 -1.64 24.21 -5.94
C THR B 149 -1.63 24.60 -4.48
N LEU B 150 -2.35 25.67 -4.16
CA LEU B 150 -2.44 26.10 -2.78
C LEU B 150 -3.63 25.36 -2.18
N LEU B 151 -4.73 25.36 -2.92
CA LEU B 151 -5.93 24.69 -2.47
C LEU B 151 -5.61 23.33 -1.94
N ILE B 152 -4.66 22.65 -2.56
CA ILE B 152 -4.33 21.31 -2.09
C ILE B 152 -3.43 21.35 -0.86
N SER B 153 -2.40 22.18 -0.88
CA SER B 153 -1.49 22.28 0.25
C SER B 153 -2.26 22.49 1.54
N LYS B 154 -3.47 23.06 1.40
CA LYS B 154 -4.36 23.32 2.53
C LYS B 154 -5.22 22.09 2.76
N ILE B 155 -5.75 21.52 1.69
CA ILE B 155 -6.56 20.33 1.79
C ILE B 155 -5.75 19.23 2.53
N ARG B 156 -4.51 18.99 2.07
CA ARG B 156 -3.62 17.98 2.65
C ARG B 156 -3.13 18.27 4.07
N GLU B 157 -3.69 19.27 4.71
CA GLU B 157 -3.30 19.65 6.06
C GLU B 157 -4.53 19.43 6.87
N GLU B 158 -5.66 19.46 6.16
CA GLU B 158 -6.98 19.31 6.76
C GLU B 158 -7.44 17.85 6.81
N TYR B 159 -6.95 17.02 5.90
CA TYR B 159 -7.33 15.62 5.92
C TYR B 159 -6.23 14.77 5.32
N PRO B 160 -5.06 14.72 5.99
CA PRO B 160 -3.94 13.92 5.49
C PRO B 160 -4.28 12.43 5.41
N ASP B 161 -5.56 12.14 5.54
CA ASP B 161 -6.09 10.79 5.48
C ASP B 161 -6.74 10.54 4.11
N ARG B 162 -7.70 11.37 3.76
CA ARG B 162 -8.37 11.21 2.48
C ARG B 162 -7.34 11.43 1.37
N ILE B 163 -7.52 10.74 0.24
CA ILE B 163 -6.60 10.84 -0.89
C ILE B 163 -6.72 12.12 -1.71
N MET B 164 -5.80 12.27 -2.66
CA MET B 164 -5.73 13.44 -3.53
C MET B 164 -5.25 13.15 -4.95
N ASN B 165 -6.20 12.91 -5.85
CA ASN B 165 -5.86 12.65 -7.22
C ASN B 165 -5.72 14.00 -7.86
N THR B 166 -4.71 14.15 -8.70
CA THR B 166 -4.52 15.41 -9.37
C THR B 166 -4.42 15.18 -10.86
N PHE B 167 -5.25 15.92 -11.59
CA PHE B 167 -5.26 15.88 -13.05
C PHE B 167 -4.63 17.17 -13.54
N SER B 168 -3.36 17.08 -13.90
CA SER B 168 -2.59 18.22 -14.38
C SER B 168 -2.35 18.23 -15.89
N VAL B 169 -2.46 19.41 -16.47
CA VAL B 169 -2.25 19.57 -17.89
C VAL B 169 -0.85 20.13 -18.07
N VAL B 170 0.13 19.30 -17.74
CA VAL B 170 1.54 19.67 -17.88
C VAL B 170 1.77 20.35 -19.23
N PRO B 171 2.58 21.42 -19.24
CA PRO B 171 2.93 22.21 -20.42
C PRO B 171 3.40 21.37 -21.59
N SER B 172 2.59 21.33 -22.63
CA SER B 172 2.90 20.58 -23.83
C SER B 172 4.23 21.05 -24.40
N PRO B 173 4.99 20.13 -25.01
CA PRO B 173 6.28 20.49 -25.60
C PRO B 173 6.23 21.41 -26.83
N LYS B 174 6.33 20.83 -28.02
CA LYS B 174 6.31 21.55 -29.29
C LYS B 174 5.99 23.05 -29.18
N VAL B 175 4.78 23.38 -28.71
CA VAL B 175 4.40 24.79 -28.56
C VAL B 175 3.73 25.06 -27.22
N SER B 176 4.16 26.12 -26.55
CA SER B 176 3.60 26.48 -25.26
C SER B 176 2.51 27.54 -25.40
N ASP B 177 1.32 27.21 -24.91
CA ASP B 177 0.17 28.09 -24.99
C ASP B 177 0.25 29.27 -24.06
N THR B 178 1.45 29.50 -23.54
CA THR B 178 1.75 30.63 -22.65
C THR B 178 3.26 30.87 -22.74
N VAL B 179 3.77 31.89 -22.06
CA VAL B 179 5.18 32.20 -22.15
C VAL B 179 6.03 31.88 -20.94
N VAL B 180 5.50 32.14 -19.77
CA VAL B 180 6.24 31.87 -18.55
C VAL B 180 6.05 30.42 -18.17
N GLU B 181 5.07 29.78 -18.81
CA GLU B 181 4.73 28.38 -18.62
C GLU B 181 5.61 27.61 -17.64
N PRO B 182 6.92 27.43 -17.95
CA PRO B 182 7.82 26.69 -17.03
C PRO B 182 7.89 27.29 -15.63
N TYR B 183 7.57 28.58 -15.54
CA TYR B 183 7.55 29.28 -14.26
C TYR B 183 6.33 28.81 -13.49
N ASN B 184 5.16 29.04 -14.07
CA ASN B 184 3.92 28.60 -13.44
C ASN B 184 3.94 27.08 -13.21
N ALA B 185 4.64 26.36 -14.08
CA ALA B 185 4.71 24.90 -13.98
C ALA B 185 5.63 24.41 -12.89
N THR B 186 6.92 24.58 -13.12
CA THR B 186 7.90 24.12 -12.15
C THR B 186 7.42 24.42 -10.74
N LEU B 187 6.80 25.58 -10.56
CA LEU B 187 6.30 25.98 -9.26
C LEU B 187 5.12 25.17 -8.74
N SER B 188 4.30 24.67 -9.64
CA SER B 188 3.15 23.90 -9.22
C SER B 188 3.49 22.42 -9.02
N VAL B 189 4.34 21.87 -9.89
CA VAL B 189 4.74 20.45 -9.78
C VAL B 189 5.36 20.24 -8.39
N HIS B 190 6.13 21.23 -7.99
CA HIS B 190 6.80 21.30 -6.72
C HIS B 190 5.76 20.96 -5.63
N GLN B 191 4.69 21.76 -5.59
CA GLN B 191 3.57 21.63 -4.63
C GLN B 191 2.88 20.26 -4.74
N LEU B 192 2.85 19.73 -5.95
CA LEU B 192 2.23 18.44 -6.23
C LEU B 192 3.01 17.28 -5.62
N VAL B 193 4.31 17.19 -5.95
CA VAL B 193 5.22 16.14 -5.48
C VAL B 193 5.21 16.09 -3.96
N GLU B 194 4.44 16.97 -3.35
CA GLU B 194 4.46 17.03 -1.91
C GLU B 194 3.14 17.23 -1.19
N ASN B 195 2.06 16.88 -1.87
CA ASN B 195 0.73 16.98 -1.27
C ASN B 195 -0.17 15.91 -1.90
N THR B 196 -0.65 16.10 -3.13
CA THR B 196 -1.50 15.08 -3.75
C THR B 196 -0.72 13.76 -3.84
N ASP B 197 -1.41 12.61 -3.86
CA ASP B 197 -0.70 11.33 -3.93
C ASP B 197 -1.00 10.46 -5.13
N GLU B 198 -1.59 11.08 -6.16
CA GLU B 198 -1.95 10.45 -7.44
C GLU B 198 -2.18 11.58 -8.43
N THR B 199 -1.31 11.69 -9.43
CA THR B 199 -1.43 12.73 -10.43
C THR B 199 -1.51 12.15 -11.83
N TYR B 200 -2.49 12.60 -12.59
CA TYR B 200 -2.64 12.15 -13.97
C TYR B 200 -2.38 13.32 -14.94
N CYS B 201 -1.16 13.34 -15.46
CA CYS B 201 -0.67 14.37 -16.38
C CYS B 201 -1.07 14.19 -17.83
N ILE B 202 -1.80 15.18 -18.33
CA ILE B 202 -2.30 15.17 -19.70
C ILE B 202 -1.64 16.29 -20.50
N ASP B 203 -1.41 16.04 -21.79
CA ASP B 203 -0.75 17.02 -22.68
C ASP B 203 -1.57 17.40 -23.90
N ASN B 204 -2.01 18.65 -23.93
CA ASN B 204 -2.82 19.13 -25.03
C ASN B 204 -2.37 18.65 -26.40
N GLU B 205 -1.09 18.39 -26.59
CA GLU B 205 -0.58 17.93 -27.88
C GLU B 205 -0.43 16.41 -27.98
N ALA B 206 -0.43 15.74 -26.84
CA ALA B 206 -0.35 14.30 -26.86
C ALA B 206 -1.77 13.89 -27.23
N LEU B 207 -2.72 14.76 -26.89
CA LEU B 207 -4.13 14.56 -27.18
C LEU B 207 -4.39 14.81 -28.65
N TYR B 208 -4.02 15.98 -29.12
CA TYR B 208 -4.21 16.30 -30.51
C TYR B 208 -3.83 15.05 -31.26
N ASP B 209 -2.54 14.72 -31.23
CA ASP B 209 -2.04 13.54 -31.90
C ASP B 209 -3.04 12.42 -31.75
N ILE B 210 -3.13 11.89 -30.54
CA ILE B 210 -4.04 10.79 -30.23
C ILE B 210 -5.48 11.07 -30.65
N CYS B 211 -5.77 12.33 -30.98
CA CYS B 211 -7.11 12.73 -31.36
C CYS B 211 -7.26 13.04 -32.84
N PHE B 212 -6.14 13.21 -33.52
CA PHE B 212 -6.16 13.52 -34.95
C PHE B 212 -5.67 12.33 -35.80
N ARG B 213 -5.09 11.34 -35.15
CA ARG B 213 -4.62 10.16 -35.89
C ARG B 213 -5.27 8.87 -35.35
N THR B 214 -5.76 8.90 -34.12
CA THR B 214 -6.40 7.74 -33.52
C THR B 214 -7.90 7.95 -33.58
N LEU B 215 -8.27 9.12 -34.08
CA LEU B 215 -9.64 9.56 -34.31
C LEU B 215 -9.34 10.43 -35.51
N LYS B 216 -9.64 9.95 -36.70
CA LYS B 216 -9.35 10.72 -37.90
C LYS B 216 -9.85 12.17 -37.78
N LEU B 217 -10.33 12.52 -36.58
CA LEU B 217 -10.84 13.86 -36.29
C LEU B 217 -9.91 14.96 -36.83
N THR B 218 -10.42 15.73 -37.78
CA THR B 218 -9.63 16.81 -38.43
C THR B 218 -9.68 18.16 -37.70
N THR B 219 -10.77 18.45 -37.00
CA THR B 219 -10.87 19.71 -36.26
C THR B 219 -11.08 19.45 -34.77
N PRO B 220 -10.03 19.00 -34.09
CA PRO B 220 -10.11 18.71 -32.66
C PRO B 220 -10.19 19.96 -31.81
N THR B 221 -11.40 20.44 -31.58
CA THR B 221 -11.60 21.60 -30.76
C THR B 221 -11.17 21.27 -29.32
N TYR B 222 -11.04 22.28 -28.47
CA TYR B 222 -10.68 22.02 -27.09
C TYR B 222 -11.72 21.09 -26.49
N GLY B 223 -12.98 21.48 -26.63
CA GLY B 223 -14.06 20.68 -26.09
C GLY B 223 -13.75 19.20 -26.21
N ASP B 224 -13.21 18.84 -27.36
CA ASP B 224 -12.85 17.45 -27.63
C ASP B 224 -11.79 17.00 -26.65
N LEU B 225 -10.57 17.52 -26.82
CA LEU B 225 -9.47 17.15 -25.94
C LEU B 225 -10.04 16.92 -24.55
N ASN B 226 -10.65 17.97 -24.02
CA ASN B 226 -11.27 17.93 -22.69
C ASN B 226 -12.11 16.66 -22.59
N HIS B 227 -13.00 16.50 -23.55
CA HIS B 227 -13.89 15.37 -23.59
C HIS B 227 -13.15 14.03 -23.48
N LEU B 228 -12.06 13.89 -24.23
CA LEU B 228 -11.27 12.67 -24.20
C LEU B 228 -10.71 12.43 -22.79
N VAL B 229 -10.13 13.49 -22.25
CA VAL B 229 -9.54 13.44 -20.90
C VAL B 229 -10.59 12.96 -19.89
N SER B 230 -11.67 13.73 -19.84
CA SER B 230 -12.80 13.48 -18.93
C SER B 230 -13.27 12.02 -19.05
N ALA B 231 -12.97 11.43 -20.19
CA ALA B 231 -13.35 10.05 -20.48
C ALA B 231 -12.54 9.08 -19.62
N THR B 232 -11.29 9.47 -19.39
CA THR B 232 -10.33 8.67 -18.62
C THR B 232 -10.58 8.79 -17.11
N MET B 233 -10.82 10.02 -16.66
CA MET B 233 -11.02 10.29 -15.23
C MET B 233 -12.34 9.68 -14.75
N SER B 234 -13.17 9.27 -15.71
CA SER B 234 -14.47 8.62 -15.41
C SER B 234 -14.25 7.13 -15.22
N GLY B 235 -13.32 6.61 -16.01
CA GLY B 235 -12.94 5.19 -15.97
C GLY B 235 -12.24 4.89 -14.65
N VAL B 236 -11.45 5.86 -14.24
CA VAL B 236 -10.67 5.79 -13.00
C VAL B 236 -11.61 5.67 -11.80
N THR B 237 -11.99 6.84 -11.30
CA THR B 237 -12.87 6.98 -10.14
C THR B 237 -14.22 6.29 -10.40
N THR B 238 -15.23 7.15 -10.51
CA THR B 238 -16.63 6.76 -10.72
C THR B 238 -16.79 5.29 -11.07
N CYS B 239 -16.07 4.88 -12.11
CA CYS B 239 -16.08 3.52 -12.58
C CYS B 239 -15.94 2.53 -11.44
N LEU B 240 -14.76 2.51 -10.83
CA LEU B 240 -14.50 1.58 -9.74
C LEU B 240 -15.50 1.64 -8.61
N ARG B 241 -16.33 2.68 -8.62
CA ARG B 241 -17.34 2.81 -7.60
C ARG B 241 -18.57 2.10 -8.12
N PHE B 242 -18.28 1.10 -8.96
CA PHE B 242 -19.29 0.24 -9.57
C PHE B 242 -18.88 -1.17 -9.16
N PRO B 243 -19.75 -2.15 -9.38
CA PRO B 243 -19.42 -3.52 -9.01
C PRO B 243 -18.34 -4.04 -9.93
N GLY B 244 -17.91 -5.27 -9.73
CA GLY B 244 -16.89 -5.86 -10.58
C GLY B 244 -16.40 -7.19 -10.01
N GLN B 245 -15.95 -8.08 -10.88
CA GLN B 245 -15.47 -9.36 -10.40
C GLN B 245 -14.33 -9.02 -9.47
N LEU B 246 -13.50 -8.08 -9.90
CA LEU B 246 -12.36 -7.63 -9.12
C LEU B 246 -12.30 -6.12 -9.16
N ASN B 247 -12.96 -5.48 -8.19
CA ASN B 247 -12.96 -4.03 -8.19
C ASN B 247 -11.94 -3.46 -7.24
N ALA B 248 -11.54 -2.24 -7.55
CA ALA B 248 -10.58 -1.51 -6.75
C ALA B 248 -11.21 -0.14 -6.49
N ASP B 249 -10.45 0.77 -5.89
CA ASP B 249 -10.93 2.12 -5.59
C ASP B 249 -9.73 2.96 -5.23
N LEU B 250 -9.76 4.22 -5.65
CA LEU B 250 -8.67 5.16 -5.42
C LEU B 250 -7.51 4.60 -4.62
N ARG B 251 -7.77 4.12 -3.42
CA ARG B 251 -6.68 3.56 -2.65
C ARG B 251 -6.02 2.39 -3.36
N LYS B 252 -6.75 1.30 -3.61
CA LYS B 252 -6.16 0.15 -4.31
C LYS B 252 -5.25 0.76 -5.36
N LEU B 253 -5.85 1.60 -6.20
CA LEU B 253 -5.13 2.28 -7.27
C LEU B 253 -3.89 2.96 -6.72
N ALA B 254 -4.05 3.60 -5.57
CA ALA B 254 -2.93 4.28 -4.97
C ALA B 254 -1.98 3.26 -4.33
N VAL B 255 -2.53 2.39 -3.49
CA VAL B 255 -1.71 1.40 -2.82
C VAL B 255 -1.12 0.30 -3.69
N ASN B 256 -1.28 0.41 -5.00
CA ASN B 256 -0.73 -0.60 -5.91
C ASN B 256 0.12 0.10 -6.92
N MET B 257 0.01 1.42 -6.94
CA MET B 257 0.72 2.19 -7.93
C MET B 257 1.85 3.06 -7.47
N VAL B 258 1.92 3.32 -6.19
CA VAL B 258 2.98 4.19 -5.72
C VAL B 258 3.99 3.44 -4.87
N PRO B 259 5.11 3.03 -5.48
CA PRO B 259 6.10 2.30 -4.71
C PRO B 259 6.80 3.26 -3.76
N PHE B 260 7.05 4.49 -4.20
CA PHE B 260 7.75 5.42 -3.33
C PHE B 260 7.10 6.79 -3.21
N PRO B 261 6.68 7.15 -1.99
CA PRO B 261 6.04 8.36 -1.49
C PRO B 261 6.07 9.66 -2.26
N ARG B 262 6.96 9.81 -3.24
CA ARG B 262 6.99 11.07 -3.98
C ARG B 262 5.55 11.49 -4.29
N LEU B 263 4.78 10.53 -4.75
CA LEU B 263 3.38 10.67 -5.12
C LEU B 263 3.34 10.10 -6.51
N HIS B 264 4.38 10.38 -7.26
CA HIS B 264 4.49 9.90 -8.61
C HIS B 264 3.29 10.24 -9.46
N PHE B 265 3.59 10.48 -10.72
CA PHE B 265 2.58 10.88 -11.67
C PHE B 265 2.43 9.76 -12.67
N PHE B 266 1.20 9.63 -13.14
CA PHE B 266 0.85 8.59 -14.08
C PHE B 266 0.58 9.16 -15.44
N MET B 267 0.04 8.33 -16.32
CA MET B 267 -0.27 8.76 -17.66
C MET B 267 -1.45 7.91 -18.04
N PRO B 268 -2.64 8.51 -18.07
CA PRO B 268 -3.86 7.78 -18.42
C PRO B 268 -4.05 7.47 -19.92
N GLY B 269 -4.71 6.34 -20.19
CA GLY B 269 -4.96 5.91 -21.56
C GLY B 269 -6.29 5.20 -21.61
N PHE B 270 -7.13 5.57 -22.57
CA PHE B 270 -8.44 4.95 -22.71
C PHE B 270 -8.33 3.76 -23.64
N ALA B 271 -9.34 2.88 -23.61
CA ALA B 271 -9.33 1.69 -24.46
C ALA B 271 -9.90 1.85 -25.85
N PRO B 272 -11.22 1.63 -26.02
CA PRO B 272 -11.70 1.77 -27.39
C PRO B 272 -11.54 3.18 -27.88
N LEU B 273 -10.52 3.42 -28.69
CA LEU B 273 -10.35 4.75 -29.21
C LEU B 273 -10.33 4.65 -30.71
N THR B 274 -11.49 4.33 -31.28
CA THR B 274 -11.63 4.17 -32.73
C THR B 274 -12.47 5.29 -33.34
N SER B 275 -12.14 5.70 -34.56
CA SER B 275 -12.88 6.74 -35.26
C SER B 275 -14.33 6.32 -35.41
N ARG B 276 -15.25 7.28 -35.48
CA ARG B 276 -16.68 6.95 -35.56
C ARG B 276 -17.13 5.84 -36.51
N GLY B 277 -17.78 6.21 -37.62
CA GLY B 277 -18.27 5.22 -38.56
C GLY B 277 -17.40 4.01 -38.82
N SER B 278 -16.65 4.03 -39.92
CA SER B 278 -15.74 2.96 -40.33
C SER B 278 -15.11 2.16 -39.23
N GLN B 279 -13.97 2.64 -38.74
CA GLN B 279 -13.20 1.98 -37.69
C GLN B 279 -13.98 1.07 -36.75
N GLN B 280 -15.25 1.44 -36.44
CA GLN B 280 -16.18 0.70 -35.57
C GLN B 280 -16.05 -0.78 -35.94
N TYR B 281 -14.82 -1.24 -35.71
CA TYR B 281 -14.37 -2.56 -35.99
C TYR B 281 -14.79 -3.54 -34.95
N ARG B 282 -15.07 -3.05 -33.75
CA ARG B 282 -15.48 -3.91 -32.66
C ARG B 282 -14.37 -4.84 -32.27
N ALA B 283 -13.20 -4.74 -32.89
CA ALA B 283 -12.10 -5.60 -32.49
C ALA B 283 -11.85 -5.11 -31.07
N LEU B 284 -12.64 -5.63 -30.15
CA LEU B 284 -12.55 -5.25 -28.75
C LEU B 284 -12.67 -6.53 -27.92
N THR B 285 -12.35 -7.68 -28.50
CA THR B 285 -12.48 -8.94 -27.74
C THR B 285 -11.76 -8.74 -26.40
N VAL B 286 -10.57 -8.12 -26.43
CA VAL B 286 -9.74 -7.80 -25.27
C VAL B 286 -8.29 -7.63 -25.70
N PRO B 287 -7.75 -8.60 -26.44
CA PRO B 287 -6.36 -8.41 -26.85
C PRO B 287 -6.29 -7.10 -27.60
N GLU B 288 -7.44 -6.64 -28.06
CA GLU B 288 -7.47 -5.40 -28.80
C GLU B 288 -7.38 -4.21 -27.89
N LEU B 289 -7.90 -4.34 -26.67
CA LEU B 289 -7.82 -3.25 -25.70
C LEU B 289 -6.40 -3.12 -25.14
N THR B 290 -5.78 -4.26 -24.82
CA THR B 290 -4.42 -4.20 -24.31
C THR B 290 -3.54 -3.79 -25.47
N GLN B 291 -3.90 -4.17 -26.68
CA GLN B 291 -3.11 -3.77 -27.82
C GLN B 291 -3.09 -2.26 -27.71
N GLN B 292 -4.29 -1.68 -27.69
CA GLN B 292 -4.44 -0.24 -27.58
C GLN B 292 -3.61 0.27 -26.39
N MET B 293 -4.27 0.41 -25.25
CA MET B 293 -3.68 0.90 -24.00
C MET B 293 -2.15 0.86 -23.90
N PHE B 294 -1.55 -0.28 -24.21
CA PHE B 294 -0.10 -0.40 -24.08
C PHE B 294 0.79 0.06 -25.21
N ASP B 295 0.24 0.71 -26.22
CA ASP B 295 1.10 1.19 -27.31
C ASP B 295 1.65 2.55 -26.89
N ALA B 296 2.61 3.07 -27.64
CA ALA B 296 3.17 4.37 -27.34
C ALA B 296 2.01 5.33 -27.53
N LYS B 297 1.79 5.79 -28.76
CA LYS B 297 0.69 6.68 -29.00
C LYS B 297 -0.48 6.08 -28.25
N ASN B 298 -1.34 6.94 -27.74
CA ASN B 298 -2.51 6.56 -26.98
C ASN B 298 -2.28 6.82 -25.51
N MET B 299 -1.09 7.33 -25.18
CA MET B 299 -0.78 7.68 -23.80
C MET B 299 -0.96 9.20 -23.70
N MET B 300 -2.03 9.64 -23.06
CA MET B 300 -2.30 11.06 -22.94
C MET B 300 -1.11 11.89 -22.55
N ALA B 301 -0.07 11.24 -22.05
CA ALA B 301 1.16 11.92 -21.67
C ALA B 301 1.89 12.31 -22.94
N ALA B 302 2.95 13.09 -22.81
CA ALA B 302 3.71 13.51 -23.99
C ALA B 302 4.75 12.46 -24.25
N CYS B 303 5.45 12.08 -23.19
CA CYS B 303 6.49 11.10 -23.33
C CYS B 303 5.94 9.75 -23.78
N ASP B 304 6.84 8.93 -24.29
CA ASP B 304 6.50 7.61 -24.78
C ASP B 304 7.06 6.52 -23.86
N PRO B 305 6.18 5.69 -23.33
CA PRO B 305 6.53 4.59 -22.43
C PRO B 305 7.74 3.84 -22.92
N ARG B 306 7.76 3.57 -24.21
CA ARG B 306 8.86 2.84 -24.83
C ARG B 306 10.19 3.46 -24.49
N HIS B 307 10.16 4.63 -23.85
CA HIS B 307 11.38 5.35 -23.48
C HIS B 307 11.73 5.23 -22.00
N GLY B 308 11.16 4.24 -21.33
CA GLY B 308 11.43 4.06 -19.91
C GLY B 308 10.51 3.07 -19.24
N ARG B 309 11.10 2.17 -18.44
CA ARG B 309 10.36 1.14 -17.72
C ARG B 309 9.11 1.65 -17.03
N TYR B 310 8.34 0.73 -16.50
CA TYR B 310 7.14 1.04 -15.75
C TYR B 310 7.38 0.56 -14.33
N LEU B 311 6.66 1.11 -13.37
CA LEU B 311 6.79 0.67 -12.00
C LEU B 311 5.50 -0.05 -11.73
N THR B 312 4.42 0.56 -12.17
CA THR B 312 3.11 -0.01 -11.95
C THR B 312 2.21 0.34 -13.11
N VAL B 313 1.18 -0.46 -13.26
CA VAL B 313 0.22 -0.27 -14.31
C VAL B 313 -1.11 -0.73 -13.75
N ALA B 314 -2.18 -0.08 -14.16
CA ALA B 314 -3.50 -0.42 -13.66
C ALA B 314 -4.49 -0.40 -14.76
N ALA B 315 -4.77 -1.55 -15.33
CA ALA B 315 -5.74 -1.60 -16.40
C ALA B 315 -7.07 -1.69 -15.70
N VAL B 316 -7.75 -0.57 -15.58
CA VAL B 316 -9.03 -0.58 -14.93
C VAL B 316 -10.11 -0.80 -16.03
N PHE B 317 -10.37 -2.07 -16.36
CA PHE B 317 -11.35 -2.41 -17.37
C PHE B 317 -12.74 -2.24 -16.78
N ARG B 318 -13.74 -2.05 -17.65
CA ARG B 318 -15.12 -1.90 -17.21
C ARG B 318 -16.09 -2.35 -18.30
N GLY B 319 -16.30 -3.66 -18.37
CA GLY B 319 -17.18 -4.26 -19.37
C GLY B 319 -17.01 -5.76 -19.24
N ARG B 320 -18.11 -6.51 -19.16
CA ARG B 320 -18.05 -7.97 -19.00
C ARG B 320 -17.00 -8.72 -19.84
N MET B 321 -16.05 -9.35 -19.14
CA MET B 321 -14.96 -10.12 -19.74
C MET B 321 -14.47 -11.22 -18.82
N SER B 322 -13.70 -12.13 -19.39
CA SER B 322 -13.16 -13.28 -18.67
C SER B 322 -11.94 -12.96 -17.84
N MET B 323 -12.09 -13.15 -16.53
CA MET B 323 -11.00 -12.92 -15.60
C MET B 323 -9.82 -13.76 -16.01
N LYS B 324 -10.03 -14.54 -17.06
CA LYS B 324 -8.99 -15.38 -17.61
C LYS B 324 -8.36 -14.67 -18.79
N GLU B 325 -9.17 -14.23 -19.75
CA GLU B 325 -8.60 -13.55 -20.91
C GLU B 325 -8.07 -12.16 -20.55
N VAL B 326 -8.33 -11.77 -19.31
CA VAL B 326 -7.85 -10.48 -18.81
C VAL B 326 -6.57 -10.78 -18.08
N ASP B 327 -6.69 -11.56 -17.02
CA ASP B 327 -5.53 -11.93 -16.23
C ASP B 327 -4.45 -12.53 -17.11
N GLU B 328 -4.85 -13.23 -18.16
CA GLU B 328 -3.88 -13.84 -19.07
C GLU B 328 -3.13 -12.83 -19.94
N GLN B 329 -3.86 -12.14 -20.79
CA GLN B 329 -3.28 -11.14 -21.68
C GLN B 329 -2.20 -10.36 -20.95
N MET B 330 -2.59 -9.72 -19.85
CA MET B 330 -1.69 -8.92 -19.02
C MET B 330 -0.32 -9.54 -18.90
N LEU B 331 -0.30 -10.87 -18.82
CA LEU B 331 0.95 -11.61 -18.69
C LEU B 331 1.84 -11.52 -19.92
N ASN B 332 1.38 -12.07 -21.03
CA ASN B 332 2.16 -12.03 -22.26
C ASN B 332 2.70 -10.63 -22.38
N VAL B 333 1.81 -9.66 -22.18
CA VAL B 333 2.20 -8.27 -22.26
C VAL B 333 3.40 -8.02 -21.37
N GLN B 334 3.37 -8.61 -20.17
CA GLN B 334 4.46 -8.44 -19.23
C GLN B 334 5.72 -9.20 -19.62
N ASN B 335 5.58 -10.12 -20.58
CA ASN B 335 6.73 -10.90 -21.02
C ASN B 335 7.27 -10.47 -22.38
N LYS B 336 6.39 -10.00 -23.26
CA LYS B 336 6.82 -9.54 -24.56
C LYS B 336 7.65 -8.27 -24.37
N ASN B 337 7.40 -7.57 -23.27
CA ASN B 337 8.08 -6.33 -22.99
C ASN B 337 8.83 -6.33 -21.67
N SER B 338 9.31 -7.50 -21.27
CA SER B 338 10.06 -7.63 -20.03
C SER B 338 11.09 -6.51 -19.97
N SER B 339 11.62 -6.18 -21.14
CA SER B 339 12.61 -5.13 -21.29
C SER B 339 12.17 -3.93 -20.46
N TYR B 340 11.10 -3.29 -20.88
CA TYR B 340 10.61 -2.14 -20.13
C TYR B 340 9.35 -2.44 -19.35
N PHE B 341 9.56 -2.68 -18.06
CA PHE B 341 8.50 -3.01 -17.14
C PHE B 341 9.07 -3.19 -15.75
N VAL B 342 10.33 -2.81 -15.58
CA VAL B 342 11.06 -2.93 -14.30
C VAL B 342 10.93 -4.35 -13.75
N GLU B 343 11.96 -4.82 -13.07
CA GLU B 343 11.92 -6.20 -12.59
C GLU B 343 11.62 -6.42 -11.12
N TRP B 344 12.16 -5.58 -10.24
CA TRP B 344 11.94 -5.75 -8.82
C TRP B 344 10.49 -5.75 -8.37
N ILE B 345 9.58 -5.91 -9.32
CA ILE B 345 8.16 -6.01 -9.05
C ILE B 345 7.72 -7.17 -9.92
N PRO B 346 7.57 -8.34 -9.32
CA PRO B 346 7.15 -9.51 -10.09
C PRO B 346 5.90 -9.29 -10.96
N ASN B 347 4.91 -8.57 -10.42
CA ASN B 347 3.70 -8.31 -11.18
C ASN B 347 3.34 -6.84 -11.16
N ASN B 348 4.00 -6.06 -12.02
CA ASN B 348 3.79 -4.62 -12.10
C ASN B 348 2.33 -4.31 -12.26
N VAL B 349 1.71 -4.99 -13.21
CA VAL B 349 0.33 -4.76 -13.53
C VAL B 349 -0.67 -5.02 -12.41
N LYS B 350 -1.65 -4.14 -12.33
CA LYS B 350 -2.73 -4.22 -11.35
C LYS B 350 -3.99 -4.33 -12.18
N THR B 351 -4.45 -5.55 -12.39
CA THR B 351 -5.65 -5.77 -13.16
C THR B 351 -6.84 -5.42 -12.29
N ALA B 352 -7.74 -4.65 -12.86
CA ALA B 352 -8.93 -4.21 -12.18
C ALA B 352 -10.05 -4.53 -13.13
N VAL B 353 -11.22 -4.90 -12.60
CA VAL B 353 -12.32 -5.24 -13.49
C VAL B 353 -13.73 -4.92 -13.00
N CYS B 354 -14.28 -3.85 -13.58
CA CYS B 354 -15.63 -3.42 -13.26
C CYS B 354 -16.54 -4.36 -14.05
N ASP B 355 -17.82 -4.00 -14.15
CA ASP B 355 -18.78 -4.78 -14.91
C ASP B 355 -19.41 -3.89 -15.95
N ILE B 356 -20.30 -3.01 -15.53
CA ILE B 356 -20.95 -2.11 -16.47
C ILE B 356 -19.90 -1.26 -17.17
N PRO B 357 -20.00 -1.15 -18.50
CA PRO B 357 -19.07 -0.37 -19.32
C PRO B 357 -19.53 1.06 -19.59
N PRO B 358 -18.75 1.80 -20.38
CA PRO B 358 -19.13 3.19 -20.68
C PRO B 358 -20.46 3.17 -21.43
N ARG B 359 -21.49 3.68 -20.75
CA ARG B 359 -22.85 3.73 -21.29
C ARG B 359 -23.05 3.10 -22.65
N GLY B 360 -22.65 3.78 -23.72
CA GLY B 360 -22.87 3.25 -25.05
C GLY B 360 -21.92 2.23 -25.64
N LEU B 361 -20.87 1.87 -24.90
CA LEU B 361 -19.89 0.93 -25.41
C LEU B 361 -20.02 -0.47 -24.82
N LYS B 362 -19.42 -1.45 -25.49
CA LYS B 362 -19.46 -2.84 -25.03
C LYS B 362 -18.33 -3.20 -24.07
N MET B 363 -17.14 -2.67 -24.33
CA MET B 363 -15.99 -2.96 -23.49
C MET B 363 -14.91 -1.91 -23.60
N SER B 364 -14.47 -1.40 -22.45
CA SER B 364 -13.42 -0.39 -22.34
C SER B 364 -12.48 -0.76 -21.21
N ALA B 365 -11.42 0.04 -21.05
CA ALA B 365 -10.42 -0.20 -20.00
C ALA B 365 -9.47 0.97 -19.84
N THR B 366 -9.61 1.68 -18.73
CA THR B 366 -8.76 2.82 -18.45
C THR B 366 -7.39 2.30 -18.05
N PHE B 367 -6.37 3.03 -18.48
CA PHE B 367 -4.99 2.68 -18.20
C PHE B 367 -4.35 3.77 -17.39
N ILE B 368 -3.73 3.40 -16.28
CA ILE B 368 -3.08 4.36 -15.43
C ILE B 368 -1.67 3.88 -15.25
N GLY B 369 -0.77 4.40 -16.07
CA GLY B 369 0.62 3.97 -15.99
C GLY B 369 1.57 4.82 -15.17
N ASN B 370 2.38 4.15 -14.37
CA ASN B 370 3.36 4.84 -13.55
C ASN B 370 4.74 4.60 -14.12
N SER B 371 4.95 4.99 -15.37
CA SER B 371 6.25 4.73 -15.96
C SER B 371 7.29 5.78 -15.68
N THR B 372 8.54 5.30 -15.68
CA THR B 372 9.73 6.09 -15.42
C THR B 372 9.97 7.00 -16.60
N ALA B 373 9.18 6.81 -17.64
CA ALA B 373 9.32 7.62 -18.83
C ALA B 373 9.01 9.08 -18.56
N ILE B 374 8.09 9.33 -17.64
CA ILE B 374 7.70 10.69 -17.36
C ILE B 374 8.85 11.49 -16.81
N GLN B 375 10.01 10.87 -16.79
CA GLN B 375 11.22 11.54 -16.34
C GLN B 375 11.47 12.58 -17.44
N GLU B 376 11.45 12.11 -18.67
CA GLU B 376 11.66 12.94 -19.84
C GLU B 376 10.59 13.97 -20.09
N LEU B 377 10.01 14.53 -19.03
CA LEU B 377 9.01 15.58 -19.21
C LEU B 377 9.31 16.65 -18.20
N PHE B 378 9.57 16.21 -16.98
CA PHE B 378 9.90 17.14 -15.92
C PHE B 378 11.26 17.66 -16.30
N LYS B 379 11.99 16.86 -17.10
CA LYS B 379 13.30 17.28 -17.58
C LYS B 379 12.98 18.50 -18.42
N ARG B 380 12.18 18.27 -19.45
CA ARG B 380 11.75 19.33 -20.36
C ARG B 380 11.45 20.57 -19.55
N ILE B 381 10.35 20.53 -18.82
CA ILE B 381 9.93 21.64 -17.99
C ILE B 381 11.14 22.25 -17.31
N SER B 382 11.80 21.46 -16.47
CA SER B 382 12.95 21.93 -15.73
C SER B 382 13.97 22.63 -16.62
N GLU B 383 14.16 22.14 -17.83
CA GLU B 383 15.10 22.80 -18.75
C GLU B 383 14.60 24.23 -19.01
N GLN B 384 13.44 24.33 -19.67
CA GLN B 384 12.84 25.61 -20.00
C GLN B 384 13.02 26.64 -18.89
N PHE B 385 12.89 26.19 -17.65
CA PHE B 385 13.05 27.07 -16.50
C PHE B 385 14.43 27.69 -16.56
N THR B 386 15.43 26.89 -16.17
CA THR B 386 16.81 27.33 -16.19
C THR B 386 17.21 28.24 -17.36
N ALA B 387 16.89 27.80 -18.58
CA ALA B 387 17.24 28.59 -19.78
C ALA B 387 16.71 30.00 -19.68
N MET B 388 15.62 30.17 -18.94
CA MET B 388 15.02 31.50 -18.77
C MET B 388 15.21 32.06 -17.38
N PHE B 389 15.34 31.16 -16.43
CA PHE B 389 15.56 31.63 -15.09
C PHE B 389 16.89 32.32 -15.16
N ARG B 390 17.89 31.61 -15.67
CA ARG B 390 19.22 32.18 -15.76
C ARG B 390 19.19 33.69 -16.02
N ARG B 391 18.27 34.15 -16.88
CA ARG B 391 18.19 35.57 -17.18
C ARG B 391 17.05 36.28 -16.46
N LYS B 392 16.41 35.56 -15.54
CA LYS B 392 15.31 36.10 -14.73
C LYS B 392 14.20 36.68 -15.59
N ALA B 393 14.11 36.17 -16.82
CA ALA B 393 13.14 36.60 -17.82
C ALA B 393 11.97 37.37 -17.27
N PHE B 394 10.79 36.77 -17.23
CA PHE B 394 9.63 37.50 -16.71
C PHE B 394 9.53 37.27 -15.22
N LEU B 395 10.61 37.52 -14.51
CA LEU B 395 10.60 37.29 -13.09
C LEU B 395 10.01 38.46 -12.32
N HIS B 396 10.16 39.68 -12.82
CA HIS B 396 9.63 40.83 -12.10
C HIS B 396 8.11 40.74 -11.83
N TRP B 397 7.41 39.96 -12.64
CA TRP B 397 5.96 39.80 -12.48
C TRP B 397 5.69 38.88 -11.31
N TYR B 398 6.71 38.18 -10.84
CA TYR B 398 6.54 37.28 -9.71
C TYR B 398 6.96 38.03 -8.48
N THR B 399 8.25 38.37 -8.40
CA THR B 399 8.80 39.10 -7.27
C THR B 399 7.93 40.31 -6.95
N GLY B 400 7.68 41.14 -7.96
CA GLY B 400 6.87 42.33 -7.79
C GLY B 400 5.51 42.01 -7.18
N GLU B 401 5.23 40.72 -7.05
CA GLU B 401 3.99 40.27 -6.47
C GLU B 401 4.28 39.65 -5.11
N GLY B 402 5.43 39.98 -4.56
CA GLY B 402 5.78 39.42 -3.27
C GLY B 402 6.11 37.95 -3.46
N MET B 403 7.30 37.70 -3.97
CA MET B 403 7.79 36.35 -4.18
C MET B 403 9.22 36.34 -3.66
N ASP B 404 9.96 35.30 -3.98
CA ASP B 404 11.34 35.19 -3.52
C ASP B 404 12.23 34.62 -4.62
N GLU B 405 13.48 35.05 -4.64
CA GLU B 405 14.45 34.59 -5.64
C GLU B 405 14.90 33.19 -5.24
N MET B 406 14.58 32.82 -4.01
CA MET B 406 14.92 31.50 -3.48
C MET B 406 13.74 30.55 -3.66
N GLU B 407 12.56 31.11 -3.92
CA GLU B 407 11.35 30.31 -4.14
C GLU B 407 11.48 29.52 -5.45
N PHE B 408 11.85 30.23 -6.50
CA PHE B 408 12.04 29.61 -7.79
C PHE B 408 13.15 28.59 -7.71
N THR B 409 14.21 28.94 -7.00
CA THR B 409 15.33 28.04 -6.85
C THR B 409 14.80 26.74 -6.27
N GLU B 410 14.12 26.88 -5.15
CA GLU B 410 13.51 25.78 -4.45
C GLU B 410 12.80 24.80 -5.38
N ALA B 411 11.69 25.26 -5.96
CA ALA B 411 10.90 24.45 -6.86
C ALA B 411 11.72 23.72 -7.90
N GLU B 412 12.42 24.44 -8.75
CA GLU B 412 13.21 23.79 -9.76
C GLU B 412 13.97 22.63 -9.18
N SER B 413 14.84 22.93 -8.22
CA SER B 413 15.63 21.90 -7.58
C SER B 413 14.72 20.74 -7.24
N ASN B 414 13.83 20.96 -6.28
CA ASN B 414 12.86 19.93 -5.87
C ASN B 414 12.41 19.14 -7.08
N MET B 415 11.58 19.75 -7.91
CA MET B 415 11.07 19.08 -9.08
C MET B 415 12.20 18.52 -9.94
N ASN B 416 13.35 19.18 -9.89
CA ASN B 416 14.51 18.75 -10.67
C ASN B 416 15.08 17.44 -10.09
N ASP B 417 15.10 17.36 -8.77
CA ASP B 417 15.57 16.17 -8.08
C ASP B 417 14.59 15.05 -8.40
N LEU B 418 13.31 15.42 -8.43
CA LEU B 418 12.23 14.50 -8.71
C LEU B 418 12.50 13.72 -10.00
N VAL B 419 13.22 14.35 -10.93
CA VAL B 419 13.61 13.73 -12.19
C VAL B 419 14.64 12.67 -11.88
N SER B 420 15.63 13.10 -11.10
CA SER B 420 16.71 12.24 -10.67
C SER B 420 16.16 10.89 -10.19
N GLU B 421 15.51 10.95 -9.05
CA GLU B 421 14.93 9.78 -8.36
C GLU B 421 14.30 8.79 -9.37
N TYR B 422 13.35 9.31 -10.13
CA TYR B 422 12.59 8.50 -11.09
C TYR B 422 13.51 7.64 -11.97
N GLN B 423 14.74 8.06 -12.12
CA GLN B 423 15.73 7.33 -12.94
C GLN B 423 16.31 6.17 -12.13
N GLN B 424 16.28 6.35 -10.83
CA GLN B 424 16.81 5.38 -9.86
C GLN B 424 16.15 4.01 -10.03
N TYR B 425 15.10 3.97 -10.83
CA TYR B 425 14.33 2.74 -11.03
C TYR B 425 14.41 2.30 -12.50
N GLN B 426 14.55 3.26 -13.38
CA GLN B 426 14.73 2.97 -14.80
C GLN B 426 16.02 2.15 -14.92
N ASP B 427 16.78 2.14 -13.83
CA ASP B 427 18.04 1.42 -13.72
C ASP B 427 18.04 0.46 -12.52
N ARG C 22 36.89 10.55 8.15
CA ARG C 22 35.68 11.14 8.78
C ARG C 22 34.45 10.21 8.65
N GLY C 23 34.34 9.37 7.60
CA GLY C 23 33.18 9.36 6.70
C GLY C 23 32.82 7.99 6.04
N ASN C 24 32.33 7.13 6.97
CA ASN C 24 31.65 5.87 6.89
C ASN C 24 30.60 6.02 7.98
N ILE C 25 29.48 5.26 7.94
CA ILE C 25 28.43 5.36 8.93
C ILE C 25 28.63 4.21 9.87
N LYS C 26 28.40 4.42 11.19
CA LYS C 26 28.64 3.31 12.09
C LYS C 26 27.55 3.15 13.12
N VAL C 27 27.18 1.89 13.45
CA VAL C 27 26.21 1.71 14.51
C VAL C 27 26.77 0.93 15.62
N MET C 28 26.43 1.49 16.79
CA MET C 28 26.94 1.07 18.08
C MET C 28 25.85 0.67 19.07
N CYS C 29 25.91 -0.59 19.54
CA CYS C 29 24.96 -1.15 20.49
C CYS C 29 25.39 -1.04 21.94
N ARG C 30 24.45 -0.62 22.81
CA ARG C 30 24.71 -0.50 24.24
C ARG C 30 23.68 -1.19 25.13
N PHE C 31 24.16 -2.13 25.94
CA PHE C 31 23.36 -2.85 26.92
C PHE C 31 23.58 -2.21 28.28
N ARG C 32 22.47 -1.89 28.97
CA ARG C 32 22.47 -1.27 30.30
C ARG C 32 22.40 -2.36 31.39
N PRO C 33 22.80 -2.11 32.66
CA PRO C 33 22.64 -3.16 33.69
C PRO C 33 21.16 -3.30 34.10
N LEU C 34 20.83 -4.46 34.70
CA LEU C 34 19.49 -4.70 35.15
C LEU C 34 19.35 -3.82 36.34
N ASN C 35 18.19 -3.16 36.50
CA ASN C 35 18.01 -2.24 37.57
C ASN C 35 17.46 -3.01 38.73
N GLU C 36 17.21 -2.30 39.85
CA GLU C 36 16.73 -2.84 41.11
C GLU C 36 15.44 -3.60 40.88
N ALA C 37 14.60 -3.09 39.96
CA ALA C 37 13.32 -3.56 39.49
C ALA C 37 13.36 -4.93 38.85
N GLU C 38 14.36 -5.21 37.98
CA GLU C 38 14.46 -6.44 37.24
C GLU C 38 15.55 -7.30 37.84
N ILE C 39 15.21 -8.28 38.72
CA ILE C 39 16.12 -9.21 39.42
C ILE C 39 15.28 -10.33 40.11
N LEU C 40 14.16 -9.94 40.75
CA LEU C 40 13.30 -10.86 41.47
C LEU C 40 12.78 -11.94 40.55
N ARG C 41 12.46 -11.59 39.29
CA ARG C 41 11.91 -12.51 38.33
C ARG C 41 12.88 -13.66 38.15
N GLY C 42 14.17 -13.31 38.06
CA GLY C 42 15.22 -14.27 37.87
C GLY C 42 15.60 -14.45 36.41
N ASP C 43 15.54 -13.36 35.60
CA ASP C 43 15.89 -13.42 34.21
C ASP C 43 17.36 -13.75 34.09
N LYS C 44 17.67 -14.91 33.47
CA LYS C 44 19.01 -15.43 33.23
C LYS C 44 19.69 -14.74 32.06
N PHE C 45 21.01 -14.59 32.14
CA PHE C 45 21.78 -13.94 31.08
C PHE C 45 21.48 -14.59 29.72
N ILE C 46 20.70 -13.89 28.90
CA ILE C 46 20.34 -14.39 27.58
C ILE C 46 21.30 -13.87 26.50
N PRO C 47 22.05 -12.77 26.85
CA PRO C 47 22.96 -12.30 25.78
C PRO C 47 24.39 -12.80 26.00
N LYS C 48 24.89 -13.60 25.07
CA LYS C 48 26.24 -14.13 25.15
C LYS C 48 27.18 -13.39 24.20
N PHE C 49 27.59 -12.19 24.60
CA PHE C 49 28.49 -11.38 23.79
C PHE C 49 29.60 -12.16 23.09
N LYS C 50 30.08 -11.63 21.95
CA LYS C 50 31.17 -12.20 21.14
C LYS C 50 32.10 -11.08 20.65
N GLY C 51 33.38 -11.20 20.99
CA GLY C 51 34.41 -10.24 20.63
C GLY C 51 34.22 -8.88 21.31
N GLU C 52 33.86 -7.87 20.51
CA GLU C 52 33.61 -6.49 20.94
C GLU C 52 32.73 -5.76 19.89
N GLU C 53 32.11 -6.56 19.00
CA GLU C 53 31.29 -6.12 17.87
C GLU C 53 30.05 -7.00 17.62
N THR C 54 29.99 -8.22 18.21
CA THR C 54 28.88 -9.17 18.02
C THR C 54 28.10 -9.46 19.32
N VAL C 55 26.76 -9.54 19.21
CA VAL C 55 25.86 -9.87 20.30
C VAL C 55 24.92 -10.99 19.89
N VAL C 56 24.97 -12.13 20.60
CA VAL C 56 24.15 -13.26 20.25
C VAL C 56 23.03 -13.42 21.26
N ILE C 57 21.82 -13.36 20.69
CA ILE C 57 20.48 -13.54 21.20
C ILE C 57 19.93 -14.52 20.19
N GLN C 58 18.92 -15.37 20.51
CA GLN C 58 18.43 -16.30 19.51
C GLN C 58 17.82 -15.51 18.38
N GLY C 59 18.38 -15.67 17.16
CA GLY C 59 17.95 -14.92 16.02
C GLY C 59 18.79 -15.34 14.85
N LYS C 60 19.03 -14.35 13.96
CA LYS C 60 19.89 -14.35 12.80
C LYS C 60 21.25 -14.00 13.32
N PRO C 61 22.34 -14.17 12.59
CA PRO C 61 23.61 -13.75 13.14
C PRO C 61 23.74 -12.25 13.19
N TYR C 62 24.37 -11.72 14.25
CA TYR C 62 24.49 -10.30 14.35
C TYR C 62 25.94 -9.98 14.26
N VAL C 63 26.21 -8.67 14.20
CA VAL C 63 27.43 -7.87 14.10
C VAL C 63 27.13 -6.39 13.90
N PHE C 64 27.87 -5.52 14.61
CA PHE C 64 27.80 -4.06 14.59
C PHE C 64 29.23 -3.50 14.63
N ASP C 65 29.39 -2.17 14.49
CA ASP C 65 30.73 -1.55 14.53
C ASP C 65 31.38 -1.68 15.91
N ARG C 66 30.56 -1.58 16.98
CA ARG C 66 30.97 -1.75 18.38
C ARG C 66 29.77 -2.06 19.28
N VAL C 67 29.95 -3.01 20.21
CA VAL C 67 28.93 -3.41 21.19
C VAL C 67 29.49 -3.11 22.59
N LEU C 68 28.85 -2.18 23.31
CA LEU C 68 29.24 -1.79 24.67
C LEU C 68 28.40 -2.54 25.67
N PRO C 69 29.06 -3.28 26.59
CA PRO C 69 28.40 -4.03 27.65
C PRO C 69 28.01 -3.10 28.80
N PRO C 70 27.37 -3.67 29.85
CA PRO C 70 26.93 -2.93 31.05
C PRO C 70 28.12 -2.30 31.79
N ASN C 71 29.25 -3.02 31.87
CA ASN C 71 30.50 -2.61 32.52
C ASN C 71 31.19 -1.40 31.84
N THR C 72 30.92 -1.16 30.53
CA THR C 72 31.49 -0.07 29.72
C THR C 72 31.08 1.33 30.22
N THR C 73 32.08 2.14 30.59
CA THR C 73 31.93 3.51 31.10
C THR C 73 31.27 4.48 30.10
N GLN C 74 30.82 5.64 30.61
CA GLN C 74 30.24 6.75 29.84
C GLN C 74 31.35 7.38 29.00
N GLU C 75 32.57 7.44 29.57
CA GLU C 75 33.79 7.95 28.96
C GLU C 75 34.16 7.08 27.76
N GLN C 76 34.19 5.74 27.95
CA GLN C 76 34.51 4.75 26.92
C GLN C 76 33.48 4.77 25.79
N VAL C 77 32.20 4.97 26.14
CA VAL C 77 31.09 5.06 25.18
C VAL C 77 31.25 6.31 24.31
N TYR C 78 31.50 7.47 24.94
CA TYR C 78 31.66 8.76 24.27
C TYR C 78 32.86 8.77 23.31
N ASN C 79 34.03 8.30 23.77
CA ASN C 79 35.26 8.28 22.96
C ASN C 79 35.06 7.54 21.64
N ALA C 80 34.45 6.33 21.68
CA ALA C 80 34.19 5.49 20.51
C ALA C 80 33.08 5.99 19.60
N CYS C 81 32.01 6.59 20.15
CA CYS C 81 30.86 7.03 19.37
C CYS C 81 30.81 8.51 18.96
N ALA C 82 31.28 9.42 19.83
CA ALA C 82 31.16 10.86 19.55
C ALA C 82 32.42 11.69 19.41
N LYS C 83 33.53 11.35 20.11
CA LYS C 83 34.79 12.11 20.12
C LYS C 83 35.34 12.54 18.75
N GLN C 84 35.37 11.62 17.75
CA GLN C 84 35.85 11.96 16.40
C GLN C 84 34.94 12.96 15.66
N ILE C 85 33.59 12.83 15.83
CA ILE C 85 32.59 13.73 15.22
C ILE C 85 32.81 15.17 15.74
N VAL C 86 33.07 15.33 17.06
CA VAL C 86 33.31 16.61 17.75
C VAL C 86 34.54 17.29 17.16
N LYS C 87 35.65 16.53 16.98
CA LYS C 87 36.89 17.04 16.39
C LYS C 87 36.62 17.58 14.95
N ASP C 88 35.85 16.82 14.13
CA ASP C 88 35.47 17.20 12.75
C ASP C 88 34.65 18.47 12.70
N VAL C 89 33.69 18.63 13.63
CA VAL C 89 32.84 19.80 13.74
C VAL C 89 33.69 21.03 14.11
N LEU C 90 34.68 20.84 15.00
CA LEU C 90 35.60 21.91 15.41
C LEU C 90 36.59 22.25 14.28
N GLU C 91 36.77 21.31 13.31
CA GLU C 91 37.59 21.47 12.11
C GLU C 91 36.74 22.01 10.91
N GLY C 92 35.46 22.29 11.14
CA GLY C 92 34.56 22.85 10.14
C GLY C 92 33.68 21.89 9.36
N TYR C 93 33.87 20.56 9.56
CA TYR C 93 33.05 19.53 8.90
C TYR C 93 31.75 19.28 9.67
N ASN C 94 30.86 18.46 9.09
CA ASN C 94 29.58 18.09 9.71
C ASN C 94 29.66 16.68 10.25
N GLY C 95 28.71 16.35 11.12
CA GLY C 95 28.58 15.05 11.77
C GLY C 95 27.20 14.90 12.39
N THR C 96 26.72 13.65 12.51
CA THR C 96 25.40 13.35 13.10
C THR C 96 25.47 12.17 14.09
N ILE C 97 24.76 12.29 15.20
CA ILE C 97 24.65 11.25 16.21
C ILE C 97 23.17 10.98 16.42
N PHE C 98 22.76 9.73 16.18
CA PHE C 98 21.39 9.26 16.39
C PHE C 98 21.39 8.42 17.66
N ALA C 99 20.34 8.55 18.46
CA ALA C 99 20.14 7.73 19.65
C ALA C 99 18.76 7.10 19.51
N TYR C 100 18.73 5.74 19.53
CA TYR C 100 17.52 4.95 19.38
C TYR C 100 17.39 3.93 20.49
N GLY C 101 16.15 3.68 20.90
CA GLY C 101 15.81 2.71 21.94
C GLY C 101 14.40 2.86 22.46
N GLN C 102 13.80 1.74 22.85
CA GLN C 102 12.45 1.71 23.43
C GLN C 102 12.47 2.32 24.85
N THR C 103 11.32 2.38 25.54
CA THR C 103 11.29 2.93 26.89
C THR C 103 12.08 2.03 27.83
N SER C 104 12.88 2.64 28.73
CA SER C 104 13.74 2.00 29.73
C SER C 104 14.96 1.26 29.14
N SER C 105 15.36 1.61 27.90
CA SER C 105 16.51 1.04 27.19
C SER C 105 17.86 1.61 27.69
N GLY C 106 17.88 2.92 27.96
CA GLY C 106 19.06 3.65 28.43
C GLY C 106 19.41 4.90 27.64
N LYS C 107 18.46 5.43 26.80
CA LYS C 107 18.70 6.64 25.99
C LYS C 107 19.10 7.85 26.83
N THR C 108 18.30 8.18 27.86
CA THR C 108 18.52 9.33 28.75
C THR C 108 19.89 9.27 29.42
N HIS C 109 20.23 8.10 30.01
CA HIS C 109 21.48 7.86 30.69
C HIS C 109 22.69 7.97 29.75
N THR C 110 22.58 7.39 28.54
CA THR C 110 23.63 7.42 27.52
C THR C 110 23.85 8.83 26.98
N MET C 111 22.78 9.53 26.58
CA MET C 111 22.83 10.87 25.98
C MET C 111 23.02 12.04 26.92
N GLU C 112 22.46 11.96 28.14
CA GLU C 112 22.63 13.05 29.10
C GLU C 112 23.13 12.68 30.48
N GLY C 113 22.65 11.56 31.02
CA GLY C 113 23.01 11.05 32.35
C GLY C 113 22.84 12.08 33.46
N LYS C 114 23.76 12.05 34.46
CA LYS C 114 23.78 13.01 35.57
C LYS C 114 24.55 14.26 35.10
N LEU C 115 23.84 15.08 34.28
CA LEU C 115 24.24 16.31 33.58
C LEU C 115 25.36 17.18 34.17
N HIS C 116 25.47 17.24 35.51
CA HIS C 116 26.49 18.03 36.20
C HIS C 116 27.61 17.23 36.88
N ASP C 117 27.38 15.91 37.13
CA ASP C 117 28.33 14.98 37.75
C ASP C 117 29.44 14.66 36.73
N PRO C 118 30.74 14.59 37.11
CA PRO C 118 31.80 14.36 36.10
C PRO C 118 31.89 12.94 35.52
N GLN C 119 31.53 11.93 36.32
CA GLN C 119 31.58 10.52 35.94
C GLN C 119 30.27 10.06 35.30
N LEU C 120 29.16 10.42 35.94
CA LEU C 120 27.81 10.03 35.53
C LEU C 120 27.26 10.67 34.27
N MET C 121 27.91 11.75 33.76
CA MET C 121 27.47 12.45 32.56
C MET C 121 27.61 11.63 31.28
N GLY C 122 26.58 11.73 30.43
CA GLY C 122 26.41 10.96 29.18
C GLY C 122 27.25 11.32 27.98
N ILE C 123 26.60 11.61 26.85
CA ILE C 123 27.24 11.96 25.58
C ILE C 123 27.20 13.47 25.32
N ILE C 124 26.00 14.08 25.40
CA ILE C 124 25.79 15.51 25.16
C ILE C 124 26.65 16.43 26.08
N PRO C 125 26.68 16.28 27.43
CA PRO C 125 27.57 17.13 28.24
C PRO C 125 29.06 17.02 27.89
N ARG C 126 29.47 15.83 27.38
CA ARG C 126 30.85 15.55 26.96
C ARG C 126 31.21 16.27 25.65
N ILE C 127 30.28 16.26 24.67
CA ILE C 127 30.42 16.93 23.37
C ILE C 127 30.61 18.42 23.65
N ALA C 128 29.73 18.94 24.50
CA ALA C 128 29.65 20.33 24.95
C ALA C 128 30.89 20.68 25.79
N HIS C 129 31.43 19.70 26.55
CA HIS C 129 32.65 19.89 27.33
C HIS C 129 33.83 20.11 26.36
N ASP C 130 34.04 19.14 25.44
CA ASP C 130 35.09 19.14 24.41
C ASP C 130 35.07 20.38 23.51
N ILE C 131 33.87 20.85 23.12
CA ILE C 131 33.69 22.04 22.28
C ILE C 131 34.22 23.29 23.00
N PHE C 132 33.77 23.53 24.24
CA PHE C 132 34.24 24.67 25.05
C PHE C 132 35.69 24.55 25.53
N ASP C 133 36.30 23.34 25.43
CA ASP C 133 37.71 23.09 25.76
C ASP C 133 38.61 23.44 24.56
N HIS C 134 38.03 23.45 23.33
CA HIS C 134 38.70 23.83 22.08
C HIS C 134 38.61 25.35 22.01
N ILE C 135 37.41 25.89 22.32
CA ILE C 135 37.10 27.31 22.45
C ILE C 135 37.95 27.78 23.64
N TYR C 136 38.24 29.08 23.72
CA TYR C 136 39.11 29.59 24.79
C TYR C 136 40.60 29.24 24.46
N SER C 137 40.91 27.93 24.29
CA SER C 137 42.25 27.41 23.93
C SER C 137 42.79 27.95 22.58
N MET C 138 41.93 28.62 21.79
CA MET C 138 42.29 29.17 20.48
C MET C 138 42.26 30.73 20.41
N ASP C 139 42.00 31.42 21.55
CA ASP C 139 41.93 32.89 21.62
C ASP C 139 43.28 33.56 21.34
N GLU C 140 43.58 33.76 20.05
CA GLU C 140 44.82 34.39 19.57
C GLU C 140 44.61 35.13 18.26
N ASN C 141 43.77 34.56 17.38
CA ASN C 141 43.41 35.08 16.05
C ASN C 141 42.00 34.62 15.68
N LEU C 142 41.38 33.77 16.54
CA LEU C 142 40.05 33.19 16.31
C LEU C 142 38.91 33.81 17.12
N GLU C 143 37.76 33.95 16.46
CA GLU C 143 36.51 34.49 17.01
C GLU C 143 35.41 33.43 16.82
N PHE C 144 34.93 32.85 17.95
CA PHE C 144 33.93 31.78 17.95
C PHE C 144 32.51 32.22 18.28
N ALA C 145 31.55 31.60 17.60
CA ALA C 145 30.12 31.84 17.82
C ALA C 145 29.47 30.47 17.83
N ILE C 146 28.82 30.10 18.96
CA ILE C 146 28.11 28.81 19.09
C ILE C 146 26.61 29.05 19.03
N LYS C 147 25.97 28.58 17.95
CA LYS C 147 24.55 28.74 17.72
C LYS C 147 23.82 27.40 17.85
N VAL C 148 22.80 27.35 18.71
CA VAL C 148 21.99 26.14 18.93
C VAL C 148 20.57 26.26 18.40
N SER C 149 20.01 25.14 17.94
CA SER C 149 18.66 25.03 17.41
C SER C 149 18.06 23.72 17.89
N TYR C 150 16.75 23.73 18.16
CA TYR C 150 16.07 22.58 18.73
C TYR C 150 14.67 22.50 18.19
N PHE C 151 14.40 21.45 17.42
CA PHE C 151 13.09 21.22 16.84
C PHE C 151 12.66 19.79 16.89
N GLU C 152 11.35 19.58 16.88
CA GLU C 152 10.79 18.24 16.90
C GLU C 152 9.95 18.03 15.66
N ILE C 153 9.90 16.78 15.17
CA ILE C 153 9.04 16.44 14.06
C ILE C 153 7.91 15.65 14.70
N TYR C 154 6.74 16.23 14.70
CA TYR C 154 5.56 15.68 15.34
C TYR C 154 4.37 15.80 14.39
N LEU C 155 3.78 14.65 13.99
CA LEU C 155 2.64 14.57 13.05
C LEU C 155 3.02 15.14 11.70
N ASP C 156 4.30 14.90 11.30
CA ASP C 156 4.93 15.36 10.07
C ASP C 156 5.12 16.89 10.03
N LYS C 157 5.05 17.55 11.19
CA LYS C 157 5.27 18.99 11.27
C LYS C 157 6.57 19.30 12.02
N ILE C 158 7.32 20.33 11.57
CA ILE C 158 8.55 20.75 12.24
C ILE C 158 8.16 21.82 13.27
N ARG C 159 8.28 21.47 14.55
CA ARG C 159 7.93 22.37 15.63
C ARG C 159 9.20 22.86 16.31
N ASP C 160 9.36 24.18 16.43
CA ASP C 160 10.50 24.78 17.10
C ASP C 160 10.30 24.56 18.60
N LEU C 161 11.31 24.01 19.28
CA LEU C 161 11.25 23.74 20.72
C LEU C 161 11.78 24.89 21.52
N LEU C 162 12.26 25.94 20.82
CA LEU C 162 12.83 27.16 21.41
C LEU C 162 11.92 28.38 21.27
N ASP C 163 10.85 28.24 20.48
CA ASP C 163 9.81 29.24 20.18
C ASP C 163 8.53 28.46 19.91
N VAL C 164 7.63 28.45 20.90
CA VAL C 164 6.33 27.75 20.90
C VAL C 164 5.34 28.25 19.84
N SER C 165 5.59 29.44 19.26
CA SER C 165 4.76 30.03 18.20
C SER C 165 5.06 29.40 16.82
N LYS C 166 6.31 28.93 16.61
CA LYS C 166 6.77 28.31 15.37
C LYS C 166 6.49 26.78 15.36
N THR C 167 5.23 26.40 15.06
CA THR C 167 4.73 25.01 15.08
C THR C 167 4.73 24.26 13.73
N ASN C 168 5.05 24.96 12.62
CA ASN C 168 5.03 24.34 11.30
C ASN C 168 6.12 24.93 10.40
N LEU C 169 7.50 24.67 10.18
CA LEU C 169 8.59 25.55 9.88
C LEU C 169 9.17 25.00 8.60
N ALA C 170 9.79 25.84 7.75
CA ALA C 170 10.14 25.43 6.40
C ALA C 170 11.62 25.32 6.19
N VAL C 171 12.02 24.59 5.13
CA VAL C 171 13.39 24.64 4.66
C VAL C 171 13.52 25.68 3.55
N HIS C 172 14.74 26.22 3.33
CA HIS C 172 15.12 26.96 2.14
C HIS C 172 16.46 26.41 1.73
N GLU C 173 17.00 26.84 0.59
CA GLU C 173 18.24 26.32 0.04
C GLU C 173 19.38 27.29 0.22
N ASP C 174 20.61 26.76 0.43
CA ASP C 174 21.81 27.57 0.52
C ASP C 174 22.41 27.89 -0.84
N LYS C 175 23.59 28.56 -0.81
CA LYS C 175 24.39 28.91 -1.97
C LYS C 175 24.64 27.76 -2.96
N ASN C 176 24.68 26.49 -2.50
CA ASN C 176 24.97 25.37 -3.38
C ASN C 176 23.72 24.65 -3.88
N ARG C 177 22.52 25.05 -3.38
CA ARG C 177 21.21 24.47 -3.67
C ARG C 177 20.90 23.30 -2.74
N VAL C 178 21.60 23.26 -1.59
CA VAL C 178 21.44 22.29 -0.54
C VAL C 178 20.49 22.90 0.50
N PRO C 179 19.40 22.23 0.90
CA PRO C 179 18.47 22.81 1.87
C PRO C 179 18.97 22.88 3.30
N TYR C 180 18.42 23.85 4.05
CA TYR C 180 18.73 24.10 5.43
C TYR C 180 17.48 24.68 6.08
N VAL C 181 17.32 24.59 7.42
CA VAL C 181 16.09 25.01 8.07
C VAL C 181 16.11 26.50 8.39
N LYS C 182 15.46 27.30 7.51
CA LYS C 182 15.49 28.72 7.72
C LYS C 182 14.44 29.11 8.72
N GLY C 183 14.78 30.03 9.63
CA GLY C 183 13.83 30.50 10.59
C GLY C 183 13.95 29.70 11.85
N CYS C 184 14.81 28.66 11.85
CA CYS C 184 14.92 27.88 13.05
C CYS C 184 15.50 28.80 14.09
N THR C 185 14.85 28.85 15.27
CA THR C 185 15.31 29.76 16.28
C THR C 185 16.71 29.40 16.65
N GLU C 186 17.62 30.36 16.34
CA GLU C 186 18.99 30.17 16.68
C GLU C 186 19.16 30.83 18.00
N ARG C 187 19.82 30.11 18.92
CA ARG C 187 20.26 30.71 20.18
C ARG C 187 21.77 30.74 20.32
N PHE C 188 22.30 31.92 20.62
CA PHE C 188 23.73 32.09 20.87
C PHE C 188 24.03 31.53 22.27
N VAL C 189 25.04 30.65 22.37
CA VAL C 189 25.45 30.03 23.64
C VAL C 189 26.95 30.22 23.91
N SER C 190 27.27 30.81 25.06
CA SER C 190 28.67 31.12 25.40
C SER C 190 29.27 30.22 26.51
N SER C 191 28.57 29.15 26.92
CA SER C 191 29.05 28.27 27.99
C SER C 191 28.42 26.86 27.93
N PRO C 192 29.02 25.83 28.60
CA PRO C 192 28.40 24.49 28.58
C PRO C 192 27.06 24.44 29.27
N GLU C 193 26.89 25.28 30.31
CA GLU C 193 25.66 25.38 31.11
C GLU C 193 24.52 25.97 30.29
N GLU C 194 24.84 26.94 29.42
CA GLU C 194 23.85 27.57 28.50
C GLU C 194 23.21 26.53 27.58
N VAL C 195 24.01 25.57 27.06
CA VAL C 195 23.56 24.50 26.16
C VAL C 195 22.59 23.57 26.89
N MET C 196 22.93 23.18 28.14
CA MET C 196 22.10 22.28 28.96
C MET C 196 20.75 22.89 29.29
N ASP C 197 20.74 24.21 29.59
CA ASP C 197 19.56 25.00 29.90
C ASP C 197 18.66 25.08 28.69
N VAL C 198 19.26 25.21 27.49
CA VAL C 198 18.55 25.25 26.20
C VAL C 198 17.90 23.89 25.92
N ILE C 199 18.62 22.78 26.20
CA ILE C 199 18.11 21.40 26.02
C ILE C 199 16.92 21.18 26.96
N ASP C 200 17.06 21.64 28.23
CA ASP C 200 16.01 21.52 29.25
C ASP C 200 14.75 22.30 28.86
N GLU C 201 14.91 23.53 28.34
CA GLU C 201 13.82 24.41 27.88
C GLU C 201 13.04 23.74 26.74
N GLY C 202 13.79 23.19 25.78
CA GLY C 202 13.23 22.48 24.62
C GLY C 202 12.50 21.21 24.99
N LYS C 203 13.10 20.40 25.91
CA LYS C 203 12.51 19.15 26.42
C LYS C 203 11.11 19.40 26.99
N SER C 204 10.93 20.53 27.71
CA SER C 204 9.64 20.96 28.29
C SER C 204 8.58 21.30 27.21
N ASN C 205 8.98 21.42 25.94
CA ASN C 205 8.09 21.72 24.81
C ASN C 205 7.81 20.51 23.92
N ARG C 206 8.60 19.41 24.12
CA ARG C 206 8.63 18.12 23.43
C ARG C 206 7.34 17.39 23.66
N HIS C 207 6.81 16.74 22.59
CA HIS C 207 5.57 16.00 22.66
C HIS C 207 5.76 14.66 23.32
N VAL C 208 5.46 14.63 24.64
CA VAL C 208 5.63 13.48 25.46
C VAL C 208 4.27 12.96 25.80
N ALA C 209 4.23 11.66 26.11
CA ALA C 209 3.08 10.91 26.50
C ALA C 209 3.49 10.15 27.73
N VAL C 210 2.53 9.95 28.64
CA VAL C 210 2.82 9.31 29.90
C VAL C 210 1.83 8.18 30.13
N THR C 211 2.32 6.90 30.11
CA THR C 211 1.54 5.72 30.41
C THR C 211 1.36 5.60 31.90
N ASN C 212 2.50 5.70 32.62
CA ASN C 212 2.62 5.74 34.03
C ASN C 212 3.46 6.95 34.20
N MET C 213 3.49 7.54 35.42
CA MET C 213 4.19 8.77 35.67
C MET C 213 5.66 8.63 35.39
N ASN C 214 6.26 7.45 35.67
CA ASN C 214 7.66 7.19 35.43
C ASN C 214 8.00 7.20 33.96
N GLU C 215 7.17 6.54 33.12
CA GLU C 215 7.38 6.44 31.70
C GLU C 215 7.21 7.75 30.98
N HIS C 216 8.09 7.96 29.97
CA HIS C 216 8.28 9.08 29.07
C HIS C 216 8.20 8.62 27.63
N SER C 217 7.00 8.48 27.02
CA SER C 217 7.05 8.06 25.63
C SER C 217 7.15 9.30 24.80
N SER C 218 8.04 9.38 23.79
CA SER C 218 7.99 10.64 23.09
C SER C 218 7.35 10.41 21.76
N ARG C 219 6.26 11.14 21.46
CA ARG C 219 5.67 10.91 20.18
C ARG C 219 6.13 12.02 19.31
N SER C 220 7.40 11.92 18.86
CA SER C 220 8.04 12.86 18.01
C SER C 220 9.47 12.50 18.04
N HIS C 221 10.17 12.73 16.92
CA HIS C 221 11.63 12.68 16.77
C HIS C 221 12.16 14.09 17.10
N SER C 222 13.29 14.13 17.80
CA SER C 222 13.92 15.36 18.25
C SER C 222 15.24 15.57 17.51
N ILE C 223 15.53 16.82 17.10
CA ILE C 223 16.80 17.19 16.45
C ILE C 223 17.42 18.40 17.14
N PHE C 224 18.58 18.20 17.75
CA PHE C 224 19.33 19.28 18.41
C PHE C 224 20.53 19.64 17.56
N LEU C 225 20.64 20.91 17.17
CA LEU C 225 21.72 21.41 16.32
C LEU C 225 22.74 22.26 17.09
N ILE C 226 24.02 21.86 17.02
CA ILE C 226 25.17 22.59 17.55
C ILE C 226 26.00 23.07 16.34
N ASN C 227 25.92 24.37 16.04
CA ASN C 227 26.70 24.99 14.96
C ASN C 227 27.89 25.76 15.52
N ILE C 228 29.10 25.24 15.24
CA ILE C 228 30.36 25.82 15.69
C ILE C 228 30.93 26.73 14.60
N LYS C 229 30.74 28.04 14.77
CA LYS C 229 31.21 29.04 13.83
C LYS C 229 32.52 29.66 14.28
N GLN C 230 33.46 29.81 13.34
CA GLN C 230 34.75 30.44 13.62
C GLN C 230 35.25 31.36 12.51
N GLU C 231 35.83 32.49 12.92
CA GLU C 231 36.38 33.50 12.01
C GLU C 231 37.83 33.75 12.41
N ASN C 232 38.76 33.48 11.49
CA ASN C 232 40.19 33.75 11.72
C ASN C 232 40.44 35.21 11.34
N VAL C 233 40.39 36.12 12.34
CA VAL C 233 40.53 37.58 12.19
C VAL C 233 41.66 38.06 11.27
N GLU C 234 42.85 37.42 11.35
CA GLU C 234 44.02 37.76 10.54
C GLU C 234 43.98 37.13 9.14
N THR C 235 43.59 35.84 9.06
CA THR C 235 43.52 35.05 7.82
C THR C 235 42.23 35.37 7.02
N GLU C 236 41.21 35.94 7.68
CA GLU C 236 39.88 36.31 7.15
C GLU C 236 39.02 35.11 6.70
N LYS C 237 39.50 33.87 6.96
CA LYS C 237 38.84 32.62 6.60
C LYS C 237 37.84 32.14 7.66
N LYS C 238 36.64 31.74 7.21
CA LYS C 238 35.55 31.31 8.08
C LYS C 238 35.18 29.83 7.93
N LEU C 239 34.87 29.19 9.08
CA LEU C 239 34.40 27.80 9.16
C LEU C 239 33.06 27.76 9.89
N SER C 240 32.22 26.76 9.58
CA SER C 240 30.91 26.52 10.19
C SER C 240 30.57 25.03 10.16
N GLY C 241 30.90 24.34 11.23
CA GLY C 241 30.64 22.91 11.37
C GLY C 241 29.34 22.68 12.11
N LYS C 242 28.52 21.73 11.62
CA LYS C 242 27.20 21.40 12.17
C LYS C 242 27.19 20.04 12.83
N LEU C 243 26.80 20.00 14.10
CA LEU C 243 26.65 18.76 14.83
C LEU C 243 25.16 18.57 15.11
N TYR C 244 24.61 17.46 14.59
CA TYR C 244 23.21 17.13 14.77
C TYR C 244 23.06 16.02 15.79
N LEU C 245 22.26 16.27 16.84
CA LEU C 245 21.99 15.30 17.90
C LEU C 245 20.54 14.89 17.73
N VAL C 246 20.32 13.68 17.21
CA VAL C 246 18.98 13.21 16.93
C VAL C 246 18.46 12.23 17.97
N ASP C 247 17.31 12.57 18.56
CA ASP C 247 16.67 11.68 19.51
C ASP C 247 15.50 10.97 18.81
N LEU C 248 15.66 9.66 18.62
CA LEU C 248 14.65 8.87 17.95
C LEU C 248 13.66 8.18 18.87
N ALA C 249 12.35 8.41 18.61
CA ALA C 249 11.28 7.71 19.29
C ALA C 249 11.30 6.27 18.76
N GLY C 250 11.00 5.29 19.60
CA GLY C 250 11.03 3.90 19.17
C GLY C 250 9.90 3.52 18.25
N SER C 251 10.15 2.53 17.36
CA SER C 251 9.15 1.98 16.45
C SER C 251 7.99 1.40 17.25
N GLU C 252 6.76 1.66 16.81
CA GLU C 252 5.59 1.21 17.55
C GLU C 252 4.76 0.22 16.75
N LYS C 253 4.51 -0.95 17.35
CA LYS C 253 3.64 -1.94 16.76
C LYS C 253 2.26 -1.54 17.28
N VAL C 254 1.53 -0.83 16.42
CA VAL C 254 0.18 -0.28 16.60
C VAL C 254 -0.96 -1.31 16.86
N SER C 255 -0.78 -2.59 16.41
CA SER C 255 -1.69 -3.74 16.63
C SER C 255 -1.72 -3.95 18.15
N LYS C 256 -0.50 -4.00 18.76
CA LYS C 256 -0.23 -3.99 20.20
C LYS C 256 -0.39 -2.50 20.56
N THR C 257 -0.57 -2.11 21.84
CA THR C 257 -0.79 -0.70 22.24
C THR C 257 -2.23 -0.24 21.88
N GLY C 258 -2.69 -0.63 20.70
CA GLY C 258 -4.04 -0.32 20.19
C GLY C 258 -4.27 1.16 19.97
N ALA C 259 -3.26 1.85 19.45
CA ALA C 259 -3.38 3.28 19.19
C ALA C 259 -4.64 3.61 18.40
N GLU C 260 -5.10 4.84 18.51
CA GLU C 260 -6.31 5.28 17.81
C GLU C 260 -6.46 6.79 17.86
N GLY C 261 -7.17 7.36 16.88
CA GLY C 261 -7.39 8.79 16.83
C GLY C 261 -6.10 9.56 16.63
N ALA C 262 -5.51 10.02 17.74
CA ALA C 262 -4.28 10.78 17.69
C ALA C 262 -3.08 9.89 18.01
N VAL C 263 -3.34 8.70 18.51
CA VAL C 263 -2.29 7.76 18.86
C VAL C 263 -1.89 6.90 17.66
N LEU C 264 -2.89 6.35 16.98
CA LEU C 264 -2.66 5.51 15.80
C LEU C 264 -1.98 6.34 14.70
N ASP C 265 -2.44 7.59 14.51
CA ASP C 265 -1.83 8.52 13.55
C ASP C 265 -0.37 8.80 13.98
N GLU C 266 -0.10 8.90 15.31
CA GLU C 266 1.24 9.10 15.86
C GLU C 266 2.14 7.89 15.56
N ALA C 267 1.65 6.68 15.88
CA ALA C 267 2.34 5.41 15.69
C ALA C 267 2.71 5.17 14.23
N LYS C 268 1.77 5.39 13.26
CA LYS C 268 2.01 5.29 11.81
C LYS C 268 3.10 6.26 11.39
N ASN C 269 2.99 7.51 11.88
CA ASN C 269 3.95 8.54 11.56
C ASN C 269 5.35 8.23 12.05
N ILE C 270 5.48 7.66 13.27
CA ILE C 270 6.78 7.23 13.84
C ILE C 270 7.32 6.09 12.99
N ASN C 271 6.46 5.07 12.71
CA ASN C 271 6.86 3.93 11.92
C ASN C 271 7.31 4.29 10.50
N LYS C 272 6.53 5.15 9.80
CA LYS C 272 6.85 5.67 8.45
C LYS C 272 8.24 6.32 8.40
N SER C 273 8.51 7.19 9.38
CA SER C 273 9.75 7.92 9.52
C SER C 273 10.94 7.01 9.73
N LEU C 274 10.76 5.96 10.54
CA LEU C 274 11.84 5.00 10.79
C LEU C 274 12.11 4.17 9.55
N SER C 275 11.08 3.83 8.75
CA SER C 275 11.20 3.11 7.47
C SER C 275 12.02 3.97 6.54
N ALA C 276 11.60 5.26 6.35
CA ALA C 276 12.27 6.26 5.51
C ALA C 276 13.71 6.34 5.84
N LEU C 277 14.01 6.50 7.15
CA LEU C 277 15.36 6.59 7.67
C LEU C 277 16.15 5.36 7.33
N GLY C 278 15.58 4.19 7.57
CA GLY C 278 16.20 2.89 7.23
C GLY C 278 16.51 2.80 5.74
N ASN C 279 15.59 3.27 4.87
CA ASN C 279 15.75 3.32 3.40
C ASN C 279 16.90 4.24 3.00
N VAL C 280 17.04 5.38 3.71
CA VAL C 280 18.11 6.34 3.45
C VAL C 280 19.48 5.80 3.85
N ILE C 281 19.60 5.27 5.08
CA ILE C 281 20.90 4.76 5.55
C ILE C 281 21.34 3.53 4.76
N SER C 282 20.37 2.67 4.37
CA SER C 282 20.63 1.47 3.55
C SER C 282 21.24 1.87 2.19
N ALA C 283 20.65 2.91 1.53
CA ALA C 283 21.08 3.46 0.24
C ALA C 283 22.49 4.04 0.32
N LEU C 284 22.76 4.76 1.40
CA LEU C 284 24.08 5.36 1.59
C LEU C 284 25.12 4.31 1.94
N ALA C 285 24.68 3.24 2.59
CA ALA C 285 25.57 2.15 2.99
C ALA C 285 26.06 1.38 1.77
N GLU C 286 25.18 1.20 0.79
CA GLU C 286 25.53 0.48 -0.43
C GLU C 286 26.15 1.42 -1.47
N GLY C 287 26.61 2.58 -1.01
CA GLY C 287 27.22 3.56 -1.89
C GLY C 287 26.45 3.74 -3.19
N THR C 288 25.13 3.73 -3.07
CA THR C 288 24.26 3.90 -4.24
C THR C 288 24.25 5.35 -4.72
N THR C 289 24.12 5.54 -6.02
CA THR C 289 24.08 6.87 -6.60
C THR C 289 22.91 7.68 -6.05
N HIS C 290 21.74 7.05 -5.97
CA HIS C 290 20.55 7.70 -5.47
C HIS C 290 20.39 7.38 -3.98
N VAL C 291 20.23 8.43 -3.12
CA VAL C 291 20.04 8.31 -1.67
C VAL C 291 18.68 8.97 -1.40
N PRO C 292 17.67 8.23 -0.88
CA PRO C 292 16.31 8.81 -0.80
C PRO C 292 16.02 9.76 0.35
N TYR C 293 16.79 10.87 0.43
CA TYR C 293 16.59 11.91 1.46
C TYR C 293 15.16 12.44 1.48
N ARG C 294 14.52 12.53 0.29
CA ARG C 294 13.14 13.01 0.13
C ARG C 294 12.04 12.09 0.79
N ASP C 295 12.42 10.88 1.32
CA ASP C 295 11.50 9.94 2.01
C ASP C 295 10.86 10.50 3.29
N SER C 296 11.53 11.45 3.94
CA SER C 296 11.04 12.13 5.14
C SER C 296 11.57 13.55 5.24
N LYS C 297 10.91 14.39 6.06
CA LYS C 297 11.36 15.74 6.39
C LYS C 297 12.64 15.59 7.25
N MET C 298 12.74 14.54 8.09
CA MET C 298 13.92 14.34 8.92
C MET C 298 15.19 14.11 8.12
N THR C 299 15.11 13.23 7.10
CA THR C 299 16.23 12.90 6.21
C THR C 299 16.63 14.05 5.33
N ARG C 300 15.69 14.98 5.09
CA ARG C 300 16.01 16.19 4.34
C ARG C 300 16.65 17.27 5.17
N ILE C 301 16.31 17.39 6.47
CA ILE C 301 16.93 18.32 7.42
C ILE C 301 18.41 17.90 7.60
N LEU C 302 18.65 16.55 7.68
CA LEU C 302 19.95 15.92 7.91
C LEU C 302 20.76 15.63 6.63
N GLN C 303 20.16 15.88 5.45
CA GLN C 303 20.76 15.62 4.14
C GLN C 303 22.21 16.11 4.01
N ASP C 304 22.48 17.39 4.33
CA ASP C 304 23.82 18.00 4.22
C ASP C 304 24.83 17.38 5.21
N SER C 305 24.37 17.04 6.42
CA SER C 305 25.16 16.44 7.50
C SER C 305 25.30 14.90 7.37
N LEU C 306 24.45 14.17 6.61
CA LEU C 306 24.72 12.80 6.25
C LEU C 306 25.63 12.84 5.05
N GLY C 307 25.13 13.53 4.01
CA GLY C 307 25.72 13.68 2.71
C GLY C 307 27.06 14.33 2.83
N GLY C 308 28.07 13.60 2.32
CA GLY C 308 29.43 14.02 2.20
C GLY C 308 29.98 14.49 3.52
N ASN C 309 29.58 13.89 4.66
CA ASN C 309 30.15 14.48 5.84
C ASN C 309 30.81 13.51 6.74
N CYS C 310 30.71 13.77 8.07
CA CYS C 310 31.42 12.98 9.03
C CYS C 310 30.76 11.70 9.33
N ARG C 311 31.26 11.16 10.44
CA ARG C 311 31.13 9.77 10.72
C ARG C 311 29.91 9.61 11.44
N THR C 312 28.81 9.62 10.69
CA THR C 312 27.55 9.44 11.40
C THR C 312 27.57 8.21 12.27
N THR C 313 27.09 8.37 13.51
CA THR C 313 27.00 7.29 14.46
C THR C 313 25.56 7.10 14.91
N ILE C 314 25.07 5.86 14.79
CA ILE C 314 23.77 5.48 15.29
C ILE C 314 24.06 4.68 16.58
N VAL C 315 23.64 5.24 17.73
CA VAL C 315 23.75 4.60 19.03
C VAL C 315 22.39 3.94 19.33
N ILE C 316 22.35 2.61 19.38
CA ILE C 316 21.15 1.83 19.72
C ILE C 316 21.24 1.24 21.13
N CYS C 317 20.32 1.63 22.02
CA CYS C 317 20.25 1.17 23.41
C CYS C 317 19.33 -0.05 23.56
N CYS C 318 19.84 -1.13 24.19
CA CYS C 318 19.13 -2.40 24.41
C CYS C 318 19.05 -2.77 25.89
N SER C 319 17.95 -3.45 26.27
CA SER C 319 17.74 -3.98 27.61
C SER C 319 18.11 -5.47 27.57
N PRO C 320 18.78 -5.96 28.56
CA PRO C 320 18.96 -7.37 28.60
C PRO C 320 17.87 -7.96 29.43
N SER C 321 17.52 -9.21 29.14
CA SER C 321 16.63 -10.05 29.91
C SER C 321 15.33 -10.29 29.21
N VAL C 322 14.49 -11.15 29.83
CA VAL C 322 13.20 -11.54 29.31
C VAL C 322 12.27 -10.34 29.28
N PHE C 323 12.63 -9.25 30.01
CA PHE C 323 11.98 -7.97 30.03
C PHE C 323 11.91 -7.53 28.62
N ASN C 324 13.03 -7.65 27.88
CA ASN C 324 12.91 -7.16 26.56
C ASN C 324 13.49 -7.99 25.45
N GLU C 325 13.57 -9.34 25.42
CA GLU C 325 14.08 -9.94 24.22
C GLU C 325 13.30 -9.55 22.97
N ALA C 326 11.97 -9.38 23.11
CA ALA C 326 11.11 -8.90 22.04
C ALA C 326 11.43 -7.51 21.55
N GLU C 327 11.47 -6.50 22.44
CA GLU C 327 11.68 -5.14 22.02
C GLU C 327 13.10 -4.84 21.68
N THR C 328 14.01 -5.63 22.40
CA THR C 328 15.46 -5.60 22.09
C THR C 328 15.71 -6.06 20.67
N LYS C 329 15.03 -7.14 20.29
CA LYS C 329 15.20 -7.70 18.95
C LYS C 329 14.82 -6.67 17.89
N SER C 330 13.69 -5.99 18.09
CA SER C 330 13.23 -4.99 17.15
C SER C 330 14.19 -3.80 17.07
N THR C 331 14.81 -3.48 18.21
CA THR C 331 15.75 -2.38 18.28
C THR C 331 17.01 -2.68 17.45
N LEU C 332 17.34 -3.96 17.32
CA LEU C 332 18.51 -4.37 16.57
C LEU C 332 18.19 -4.50 15.08
N MET C 333 16.93 -4.82 14.78
CA MET C 333 16.50 -4.97 13.39
C MET C 333 16.35 -3.61 12.71
N PHE C 334 16.10 -2.55 13.53
CA PHE C 334 16.03 -1.20 13.01
C PHE C 334 17.41 -0.92 12.43
N ALA C 335 18.48 -1.28 13.15
CA ALA C 335 19.88 -1.02 12.81
C ALA C 335 20.47 -1.92 11.69
N ALA C 336 19.65 -2.62 10.90
CA ALA C 336 20.08 -3.66 9.96
C ALA C 336 20.99 -3.18 8.80
N SER C 337 21.17 -1.88 8.62
CA SER C 337 22.04 -1.30 7.59
C SER C 337 23.55 -1.27 7.93
N VAL C 338 23.95 -1.59 9.17
CA VAL C 338 25.35 -1.42 9.60
C VAL C 338 26.31 -2.31 8.82
N ASN C 339 27.30 -1.68 8.21
CA ASN C 339 28.37 -2.36 7.46
C ASN C 339 28.05 -3.21 6.21
N SER C 340 26.77 -3.38 5.91
CA SER C 340 26.35 -4.17 4.75
C SER C 340 27.17 -3.80 3.52
N CYS C 341 27.84 -4.80 2.91
CA CYS C 341 27.81 -6.18 3.36
C CYS C 341 29.17 -6.85 3.19
MG MG D . -13.52 -6.38 -1.95
PG GTP E . -10.20 -6.16 -0.45
O1G GTP E . -11.23 -5.70 -1.46
O2G GTP E . -10.19 -5.29 0.82
O3G GTP E . -8.77 -6.05 -0.97
O3B GTP E . -10.62 -7.74 -0.17
PB GTP E . -10.75 -8.92 -1.30
O1B GTP E . -12.15 -9.20 -1.60
O2B GTP E . -9.87 -10.06 -0.80
O3A GTP E . -9.97 -8.40 -2.52
PA GTP E . -9.85 -8.77 -3.99
O1A GTP E . -8.94 -7.77 -4.62
O2A GTP E . -11.17 -8.94 -4.62
O5' GTP E . -9.03 -10.20 -3.93
C5' GTP E . -8.81 -10.74 -5.23
C4' GTP E . -8.06 -12.03 -5.27
O4' GTP E . -8.97 -13.15 -5.16
C3' GTP E . -7.41 -12.17 -6.63
O3' GTP E . -6.28 -13.00 -6.55
C2' GTP E . -8.54 -12.75 -7.46
O2' GTP E . -7.99 -13.50 -8.55
C1' GTP E . -9.29 -13.66 -6.46
N9 GTP E . -10.75 -13.69 -6.60
C8 GTP E . -11.60 -12.61 -6.54
N7 GTP E . -12.86 -12.94 -6.70
C5 GTP E . -12.85 -14.29 -6.90
C6 GTP E . -13.88 -15.20 -7.14
O6 GTP E . -15.08 -14.92 -7.20
N1 GTP E . -13.45 -16.53 -7.28
C2 GTP E . -12.14 -16.94 -7.21
N2 GTP E . -11.91 -18.21 -7.39
N3 GTP E . -11.13 -16.10 -7.00
C4 GTP E . -11.54 -14.80 -6.84
PB GDP F . -5.37 30.41 -15.76
O1B GDP F . -5.34 29.64 -14.50
O2B GDP F . -6.61 30.47 -16.42
O3B GDP F . -4.68 31.86 -15.50
O3A GDP F . -4.45 29.62 -16.76
PA GDP F . -4.79 28.97 -18.27
O1A GDP F . -5.77 27.85 -18.10
O2A GDP F . -5.26 30.12 -19.13
O5' GDP F . -3.41 28.36 -18.65
C5' GDP F . -3.04 28.14 -20.05
C4' GDP F . -2.71 26.78 -20.38
O4' GDP F . -3.90 25.93 -20.19
C3' GDP F . -2.38 26.51 -21.90
O3' GDP F . -1.29 25.52 -21.91
C2' GDP F . -3.62 25.88 -22.58
O2' GDP F . -3.42 24.94 -23.65
C1' GDP F . -4.34 25.19 -21.42
N9 GDP F . -5.79 25.25 -21.48
C8 GDP F . -6.49 26.56 -21.26
N7 GDP F . -7.77 26.00 -21.42
C5 GDP F . -7.92 24.71 -21.68
C6 GDP F . -8.84 23.68 -21.94
O6 GDP F . -10.14 24.02 -21.91
N1 GDP F . -8.50 22.38 -22.17
C2 GDP F . -7.06 22.03 -22.18
N2 GDP F . -6.96 20.75 -22.44
N3 GDP F . -6.18 22.92 -21.98
C4 GDP F . -6.57 24.18 -21.72
O01 TA1 G . -18.92 10.53 -29.19
C01 TA1 G . -18.80 9.14 -28.86
C02 TA1 G . -17.38 8.65 -29.51
O02 TA1 G . -16.41 9.54 -28.81
C03 TA1 G . -15.80 10.57 -29.57
O03 TA1 G . -16.00 10.76 -30.74
C04 TA1 G . -14.89 11.37 -28.77
C05 TA1 G . -15.11 12.80 -29.00
C06 TA1 G . -14.20 13.69 -28.21
C07 TA1 G . -13.21 13.16 -27.34
C08 TA1 G . -13.12 11.92 -27.23
C09 TA1 G . -13.90 10.94 -27.89
C10 TA1 G . -16.89 7.12 -29.27
C11 TA1 G . -15.35 6.97 -28.85
O04 TA1 G . -15.04 7.62 -27.55
C12 TA1 G . -15.53 7.13 -26.37
O05 TA1 G . -16.24 6.18 -26.24
C13 TA1 G . -15.03 8.00 -25.23
C14 TA1 G . -14.24 7.56 -29.77
O06 TA1 G . -13.58 6.29 -29.94
C15 TA1 G . -14.56 5.65 -29.10
C16 TA1 G . -15.29 4.47 -29.83
C17 TA1 G . -16.80 4.65 -29.93
O07 TA1 G . -17.36 3.53 -30.66
C18 TA1 G . -17.24 6.07 -30.53
C19 TA1 G . -16.43 6.34 -31.83
C20 TA1 G . -18.77 5.98 -31.06
O08 TA1 G . -18.98 6.10 -32.27
C21 TA1 G . -19.96 5.77 -30.12
O09 TA1 G . -21.21 5.77 -30.95
C22 TA1 G . -21.94 4.61 -31.09
O10 TA1 G . -21.67 3.56 -30.59
C23 TA1 G . -23.14 4.86 -31.97
C24 TA1 G . -19.99 6.88 -29.05
C25 TA1 G . -19.80 6.54 -27.72
C26 TA1 G . -19.69 7.72 -26.72
O11 TA1 G . -19.14 7.35 -25.40
C27 TA1 G . -20.00 7.05 -24.43
O12 TA1 G . -21.19 7.03 -24.50
C28 TA1 G . -19.24 6.73 -23.12
O13 TA1 G . -20.19 6.45 -22.12
C29 TA1 G . -18.33 7.92 -22.78
N01 TA1 G . -19.17 9.12 -22.78
C30 TA1 G . -18.69 10.35 -23.04
O14 TA1 G . -17.51 10.58 -23.28
C31 TA1 G . -19.73 11.42 -23.05
C32 TA1 G . -20.54 11.73 -21.95
C33 TA1 G . -21.53 12.75 -22.03
C34 TA1 G . -21.71 13.45 -23.25
C35 TA1 G . -20.92 13.15 -24.35
C36 TA1 G . -19.95 12.15 -24.28
C37 TA1 G . -17.57 7.69 -21.46
C38 TA1 G . -16.29 7.11 -21.53
C39 TA1 G . -15.55 6.86 -20.34
C40 TA1 G . -16.08 7.21 -19.09
C41 TA1 G . -17.34 7.79 -19.02
C42 TA1 G . -18.10 8.03 -20.20
C43 TA1 G . -18.75 8.86 -27.28
C44 TA1 G . -19.62 5.13 -27.16
C45 TA1 G . -20.14 8.41 -29.49
C46 TA1 G . -21.50 8.98 -28.89
C47 TA1 G . -20.28 8.74 -30.99
#